data_2R9U
#
_entry.id   2R9U
#
_cell.length_a   72.109
_cell.length_b   61.057
_cell.length_c   98.081
_cell.angle_alpha   90.000
_cell.angle_beta   107.350
_cell.angle_gamma   90.000
#
_symmetry.space_group_name_H-M   'P 1 21 1'
#
loop_
_entity.id
_entity.type
_entity.pdbx_description
1 polymer 'Variable lymphocyte receptor'
2 water water
#
_entity_poly.entity_id   1
_entity_poly.type   'polypeptide(L)'
_entity_poly.pdbx_seq_one_letter_code
;HHSAGCPSQCSCDQTLVNCQNIRLASVPAGIPTDKQRLWLNNNQITKLEPGVFDHLVNLQQLYFNSNKLTAIPTGVFDKL
TQLTQLDLNDNHLKSIPRGAFDNLKSLTHIYLYNNPWDCECRDIMYLRNWVADHTSIVMRWDGKAVNDPDSAKCAGTNTP
VRAVTEASTSPSKC
;
_entity_poly.pdbx_strand_id   A,B,C,D
#
# COMPACT_ATOMS: atom_id res chain seq x y z
N HIS A 1 -52.46 -35.69 3.81
CA HIS A 1 -52.23 -35.83 5.27
C HIS A 1 -50.85 -35.29 5.60
N HIS A 2 -50.62 -34.86 6.84
CA HIS A 2 -49.36 -34.21 7.22
C HIS A 2 -48.17 -35.19 7.28
N SER A 3 -47.09 -34.79 6.62
CA SER A 3 -45.79 -35.47 6.61
C SER A 3 -44.66 -34.56 7.11
N ALA A 4 -43.50 -35.16 7.40
CA ALA A 4 -42.35 -34.44 7.97
C ALA A 4 -41.65 -33.58 6.92
N GLY A 5 -40.92 -32.56 7.38
CA GLY A 5 -40.26 -31.58 6.48
C GLY A 5 -39.16 -32.19 5.61
N CYS A 6 -38.38 -33.08 6.20
CA CYS A 6 -37.31 -33.87 5.53
C CYS A 6 -37.39 -34.06 4.00
N PRO A 7 -36.30 -33.77 3.24
CA PRO A 7 -36.30 -34.12 1.82
C PRO A 7 -36.52 -35.63 1.69
N SER A 8 -37.37 -36.07 0.76
CA SER A 8 -37.80 -37.48 0.75
C SER A 8 -36.73 -38.46 0.34
N GLN A 9 -35.75 -37.98 -0.43
CA GLN A 9 -34.53 -38.75 -0.75
C GLN A 9 -33.60 -38.93 0.47
N CYS A 10 -33.70 -38.05 1.49
CA CYS A 10 -32.81 -38.07 2.66
C CYS A 10 -33.42 -38.73 3.90
N SER A 11 -32.62 -38.81 4.95
CA SER A 11 -33.10 -39.30 6.23
C SER A 11 -32.78 -38.32 7.33
N CYS A 12 -33.68 -38.23 8.30
CA CYS A 12 -33.67 -37.16 9.29
C CYS A 12 -33.68 -37.69 10.70
N ASP A 13 -32.83 -37.08 11.51
CA ASP A 13 -32.71 -37.35 12.90
C ASP A 13 -33.33 -36.12 13.53
N GLN A 14 -33.38 -36.07 14.84
CA GLN A 14 -33.77 -34.84 15.51
C GLN A 14 -32.82 -33.69 15.21
N THR A 15 -31.54 -33.99 15.07
CA THR A 15 -30.54 -32.94 14.84
C THR A 15 -29.86 -32.89 13.45
N LEU A 16 -30.04 -33.94 12.67
CA LEU A 16 -29.28 -34.21 11.46
C LEU A 16 -30.20 -34.49 10.29
N VAL A 17 -29.94 -33.79 9.18
CA VAL A 17 -30.47 -34.11 7.86
C VAL A 17 -29.36 -34.85 7.10
N ASN A 18 -29.49 -36.15 7.03
CA ASN A 18 -28.51 -37.01 6.40
C ASN A 18 -28.81 -37.23 4.94
N CYS A 19 -28.12 -36.48 4.07
CA CYS A 19 -28.25 -36.70 2.60
C CYS A 19 -26.99 -37.22 1.98
N GLN A 20 -26.22 -38.03 2.69
CA GLN A 20 -24.96 -38.50 2.18
C GLN A 20 -25.17 -39.76 1.36
N ASN A 21 -24.26 -39.98 0.39
CA ASN A 21 -24.20 -41.25 -0.33
C ASN A 21 -25.43 -41.54 -1.16
N ILE A 22 -26.14 -40.55 -1.70
CA ILE A 22 -27.37 -40.91 -2.47
C ILE A 22 -27.33 -40.39 -3.93
N ARG A 23 -26.11 -40.17 -4.46
CA ARG A 23 -25.92 -39.86 -5.87
C ARG A 23 -26.69 -38.63 -6.29
N LEU A 24 -26.80 -37.66 -5.40
CA LEU A 24 -27.50 -36.42 -5.71
C LEU A 24 -26.70 -35.57 -6.68
N ALA A 25 -27.39 -35.00 -7.66
CA ALA A 25 -26.78 -34.14 -8.65
C ALA A 25 -26.97 -32.70 -8.29
N SER A 26 -27.90 -32.43 -7.37
CA SER A 26 -28.12 -31.06 -6.85
C SER A 26 -28.61 -31.15 -5.42
N VAL A 27 -28.57 -30.01 -4.73
CA VAL A 27 -29.01 -29.92 -3.34
C VAL A 27 -30.52 -29.99 -3.30
N PRO A 28 -31.08 -30.90 -2.49
CA PRO A 28 -32.52 -31.13 -2.51
C PRO A 28 -33.29 -29.96 -1.94
N ALA A 29 -34.49 -29.73 -2.45
CA ALA A 29 -35.42 -28.75 -1.86
C ALA A 29 -35.99 -29.27 -0.53
N GLY A 30 -36.45 -28.33 0.29
CA GLY A 30 -37.11 -28.66 1.55
C GLY A 30 -36.24 -29.17 2.72
N ILE A 31 -35.02 -28.64 2.86
CA ILE A 31 -34.20 -28.95 4.04
C ILE A 31 -34.74 -28.13 5.21
N PRO A 32 -35.14 -28.82 6.31
CA PRO A 32 -35.78 -28.09 7.39
C PRO A 32 -34.83 -27.12 8.09
N THR A 33 -35.39 -26.02 8.58
CA THR A 33 -34.59 -24.92 9.10
C THR A 33 -34.22 -25.10 10.59
N ASP A 34 -34.85 -26.07 11.25
CA ASP A 34 -34.62 -26.34 12.67
C ASP A 34 -33.56 -27.43 12.96
N LYS A 35 -32.81 -27.86 11.95
CA LYS A 35 -31.78 -28.87 12.14
C LYS A 35 -30.40 -28.23 12.23
N GLN A 36 -29.51 -28.86 13.00
CA GLN A 36 -28.19 -28.27 13.28
C GLN A 36 -27.09 -28.91 12.39
N ARG A 37 -27.41 -30.02 11.77
CA ARG A 37 -26.43 -30.76 11.02
C ARG A 37 -26.95 -31.22 9.66
N LEU A 38 -26.16 -30.95 8.62
CA LEU A 38 -26.51 -31.31 7.25
C LEU A 38 -25.33 -32.03 6.63
N TRP A 39 -25.58 -33.24 6.22
CA TRP A 39 -24.62 -34.04 5.42
C TRP A 39 -25.07 -34.15 3.98
N LEU A 40 -24.32 -33.50 3.10
CA LEU A 40 -24.48 -33.61 1.65
C LEU A 40 -23.25 -34.27 0.99
N ASN A 41 -22.38 -34.86 1.80
CA ASN A 41 -21.16 -35.46 1.28
C ASN A 41 -21.38 -36.71 0.42
N ASN A 42 -20.38 -37.00 -0.40
CA ASN A 42 -20.33 -38.17 -1.26
C ASN A 42 -21.53 -38.27 -2.20
N ASN A 43 -21.71 -37.21 -2.94
CA ASN A 43 -22.75 -37.10 -3.91
C ASN A 43 -22.04 -36.61 -5.14
N GLN A 44 -22.77 -36.07 -6.08
CA GLN A 44 -22.19 -35.62 -7.32
C GLN A 44 -22.72 -34.22 -7.59
N ILE A 45 -22.84 -33.41 -6.55
CA ILE A 45 -23.34 -32.04 -6.69
C ILE A 45 -22.25 -31.18 -7.36
N THR A 46 -22.60 -30.57 -8.48
CA THR A 46 -21.64 -29.86 -9.29
C THR A 46 -21.72 -28.35 -9.06
N LYS A 47 -22.80 -27.89 -8.44
CA LYS A 47 -23.02 -26.47 -8.20
C LYS A 47 -23.88 -26.24 -6.98
N LEU A 48 -23.64 -25.09 -6.36
CA LEU A 48 -24.46 -24.56 -5.29
C LEU A 48 -25.22 -23.35 -5.83
N GLU A 49 -26.55 -23.42 -5.81
CA GLU A 49 -27.35 -22.30 -6.29
C GLU A 49 -27.23 -21.14 -5.32
N PRO A 50 -27.14 -19.90 -5.85
CA PRO A 50 -27.08 -18.79 -4.90
C PRO A 50 -28.30 -18.79 -3.98
N GLY A 51 -28.11 -18.55 -2.69
CA GLY A 51 -29.24 -18.57 -1.75
C GLY A 51 -29.67 -19.92 -1.14
N VAL A 52 -29.08 -21.04 -1.58
CA VAL A 52 -29.48 -22.38 -1.11
CA VAL A 52 -29.51 -22.38 -1.12
C VAL A 52 -29.44 -22.58 0.40
N PHE A 53 -28.45 -22.03 1.10
CA PHE A 53 -28.35 -22.24 2.55
C PHE A 53 -28.86 -21.04 3.38
N ASP A 54 -29.48 -20.07 2.73
CA ASP A 54 -29.84 -18.81 3.41
C ASP A 54 -30.82 -18.95 4.56
N HIS A 55 -31.71 -19.90 4.50
CA HIS A 55 -32.68 -20.11 5.58
C HIS A 55 -32.16 -21.03 6.68
N LEU A 56 -31.01 -21.66 6.47
CA LEU A 56 -30.51 -22.71 7.36
C LEU A 56 -29.65 -22.06 8.45
N VAL A 57 -30.25 -21.14 9.17
CA VAL A 57 -29.47 -20.23 10.04
C VAL A 57 -28.95 -20.90 11.35
N ASN A 58 -29.56 -22.03 11.74
CA ASN A 58 -29.21 -22.78 12.94
C ASN A 58 -28.19 -23.89 12.66
N LEU A 59 -27.66 -23.93 11.45
CA LEU A 59 -26.77 -25.02 11.05
C LEU A 59 -25.43 -24.86 11.75
N GLN A 60 -24.94 -25.95 12.36
CA GLN A 60 -23.62 -25.98 13.05
C GLN A 60 -22.57 -26.83 12.35
N GLN A 61 -23.05 -27.81 11.58
CA GLN A 61 -22.20 -28.76 10.89
C GLN A 61 -22.70 -28.97 9.45
N LEU A 62 -21.83 -28.69 8.47
CA LEU A 62 -22.16 -28.82 7.06
C LEU A 62 -21.08 -29.60 6.37
N TYR A 63 -21.40 -30.81 5.99
CA TYR A 63 -20.44 -31.62 5.32
C TYR A 63 -20.82 -31.66 3.88
N PHE A 64 -19.91 -31.23 3.04
CA PHE A 64 -20.12 -31.20 1.61
C PHE A 64 -18.97 -31.83 0.87
N ASN A 65 -18.20 -32.68 1.57
CA ASN A 65 -17.04 -33.33 0.95
C ASN A 65 -17.42 -34.38 -0.09
N SER A 66 -16.47 -34.68 -0.96
CA SER A 66 -16.64 -35.65 -2.04
C SER A 66 -17.88 -35.35 -2.86
N ASN A 67 -17.89 -34.14 -3.42
CA ASN A 67 -18.84 -33.74 -4.46
C ASN A 67 -18.02 -33.23 -5.69
N LYS A 68 -18.62 -32.45 -6.57
CA LYS A 68 -17.94 -32.08 -7.79
C LYS A 68 -17.98 -30.58 -7.91
N LEU A 69 -17.85 -29.86 -6.79
CA LEU A 69 -17.94 -28.42 -6.85
C LEU A 69 -16.68 -27.86 -7.46
N THR A 70 -16.88 -26.91 -8.37
CA THR A 70 -15.79 -26.24 -9.05
C THR A 70 -15.74 -24.79 -8.62
N ALA A 71 -16.81 -24.27 -8.06
CA ALA A 71 -16.83 -22.92 -7.55
C ALA A 71 -17.79 -22.81 -6.37
N ILE A 72 -17.60 -21.76 -5.60
CA ILE A 72 -18.43 -21.42 -4.43
C ILE A 72 -18.99 -20.00 -4.73
N PRO A 73 -20.34 -19.83 -4.75
CA PRO A 73 -20.81 -18.42 -4.87
C PRO A 73 -20.32 -17.61 -3.67
N THR A 74 -19.97 -16.37 -3.89
CA THR A 74 -19.33 -15.57 -2.87
C THR A 74 -20.11 -15.48 -1.55
N GLY A 75 -21.43 -15.35 -1.63
CA GLY A 75 -22.26 -15.16 -0.44
C GLY A 75 -22.96 -16.41 0.08
N VAL A 76 -22.57 -17.58 -0.39
CA VAL A 76 -23.32 -18.80 -0.09
C VAL A 76 -23.35 -19.19 1.37
N PHE A 77 -22.31 -18.86 2.12
CA PHE A 77 -22.23 -19.21 3.54
C PHE A 77 -22.55 -18.02 4.44
N ASP A 78 -23.02 -16.91 3.87
CA ASP A 78 -23.19 -15.67 4.61
C ASP A 78 -24.10 -15.74 5.83
N LYS A 79 -25.11 -16.59 5.77
CA LYS A 79 -26.10 -16.62 6.86
C LYS A 79 -25.77 -17.71 7.89
N LEU A 80 -24.69 -18.45 7.66
CA LEU A 80 -24.39 -19.63 8.50
C LEU A 80 -23.46 -19.19 9.62
N THR A 81 -23.93 -18.21 10.39
CA THR A 81 -23.09 -17.59 11.40
C THR A 81 -22.85 -18.49 12.63
N GLN A 82 -23.59 -19.60 12.70
CA GLN A 82 -23.49 -20.56 13.79
C GLN A 82 -22.68 -21.72 13.44
N LEU A 83 -22.16 -21.74 12.24
CA LEU A 83 -21.58 -22.95 11.71
C LEU A 83 -20.21 -23.12 12.39
N THR A 84 -19.94 -24.30 12.96
CA THR A 84 -18.67 -24.61 13.62
C THR A 84 -17.82 -25.60 12.85
N GLN A 85 -18.42 -26.41 11.98
CA GLN A 85 -17.68 -27.41 11.21
C GLN A 85 -18.16 -27.40 9.75
N LEU A 86 -17.21 -27.26 8.83
CA LEU A 86 -17.46 -27.16 7.42
C LEU A 86 -16.46 -28.05 6.71
N ASP A 87 -16.93 -29.08 6.01
CA ASP A 87 -16.06 -30.00 5.25
C ASP A 87 -16.26 -29.81 3.76
N LEU A 88 -15.21 -29.38 3.06
CA LEU A 88 -15.23 -29.18 1.63
C LEU A 88 -14.18 -30.06 0.96
N ASN A 89 -13.63 -31.03 1.68
CA ASN A 89 -12.56 -31.82 1.13
C ASN A 89 -13.04 -32.62 -0.08
N ASP A 90 -12.13 -32.86 -1.05
CA ASP A 90 -12.37 -33.74 -2.17
C ASP A 90 -13.48 -33.20 -3.07
N ASN A 91 -13.33 -31.95 -3.47
CA ASN A 91 -14.15 -31.35 -4.48
C ASN A 91 -13.17 -30.94 -5.60
N HIS A 92 -13.62 -30.07 -6.50
CA HIS A 92 -12.79 -29.63 -7.60
C HIS A 92 -12.59 -28.14 -7.46
N LEU A 93 -12.49 -27.63 -6.24
CA LEU A 93 -12.36 -26.21 -6.00
C LEU A 93 -10.95 -25.76 -6.39
N LYS A 94 -10.90 -24.60 -7.03
CA LYS A 94 -9.66 -23.99 -7.50
C LYS A 94 -9.29 -22.75 -6.70
N SER A 95 -10.30 -22.11 -6.14
CA SER A 95 -10.09 -20.96 -5.29
CA SER A 95 -10.10 -20.93 -5.31
C SER A 95 -11.37 -20.70 -4.51
N ILE A 96 -11.27 -19.78 -3.56
CA ILE A 96 -12.40 -19.26 -2.80
C ILE A 96 -12.48 -17.76 -3.14
N PRO A 97 -13.67 -17.28 -3.49
CA PRO A 97 -13.88 -15.88 -3.75
C PRO A 97 -13.64 -15.01 -2.52
N ARG A 98 -13.05 -13.86 -2.75
CA ARG A 98 -12.75 -12.94 -1.68
C ARG A 98 -13.93 -12.63 -0.75
N GLY A 99 -13.73 -12.86 0.52
CA GLY A 99 -14.76 -12.60 1.51
C GLY A 99 -15.74 -13.72 1.72
N ALA A 100 -15.58 -14.87 1.07
CA ALA A 100 -16.54 -15.97 1.23
C ALA A 100 -16.75 -16.45 2.68
N PHE A 101 -15.70 -16.37 3.48
CA PHE A 101 -15.75 -16.90 4.83
C PHE A 101 -15.88 -15.81 5.88
N ASP A 102 -16.13 -14.57 5.46
CA ASP A 102 -16.24 -13.39 6.34
C ASP A 102 -17.20 -13.62 7.50
N ASN A 103 -18.35 -14.20 7.23
CA ASN A 103 -19.41 -14.29 8.23
C ASN A 103 -19.39 -15.60 9.00
N LEU A 104 -18.37 -16.44 8.76
CA LEU A 104 -18.25 -17.74 9.44
C LEU A 104 -17.44 -17.65 10.75
N LYS A 105 -17.91 -16.81 11.66
CA LYS A 105 -17.08 -16.45 12.78
C LYS A 105 -17.09 -17.46 13.92
N SER A 106 -17.92 -18.49 13.82
CA SER A 106 -17.93 -19.57 14.82
C SER A 106 -17.15 -20.81 14.45
N LEU A 107 -16.51 -20.87 13.29
CA LEU A 107 -15.85 -22.05 12.82
C LEU A 107 -14.77 -22.50 13.74
N THR A 108 -14.77 -23.78 14.10
CA THR A 108 -13.69 -24.41 14.84
C THR A 108 -12.95 -25.45 13.96
N HIS A 109 -13.58 -25.94 12.90
CA HIS A 109 -13.00 -27.00 12.05
C HIS A 109 -13.37 -26.73 10.63
N ILE A 110 -12.39 -26.48 9.76
CA ILE A 110 -12.65 -26.42 8.35
C ILE A 110 -11.68 -27.39 7.65
N TYR A 111 -12.22 -28.15 6.70
CA TYR A 111 -11.46 -29.16 5.97
C TYR A 111 -11.41 -28.76 4.50
N LEU A 112 -10.22 -28.56 3.98
CA LEU A 112 -10.02 -27.99 2.61
C LEU A 112 -9.14 -28.84 1.73
N TYR A 113 -8.65 -29.94 2.25
CA TYR A 113 -7.69 -30.75 1.59
C TYR A 113 -8.28 -31.55 0.39
N ASN A 114 -7.38 -32.06 -0.44
CA ASN A 114 -7.75 -32.79 -1.62
C ASN A 114 -8.70 -32.00 -2.56
N ASN A 115 -8.38 -30.71 -2.73
CA ASN A 115 -8.94 -29.87 -3.76
C ASN A 115 -7.76 -29.34 -4.61
N PRO A 116 -7.96 -29.20 -5.93
CA PRO A 116 -6.93 -28.66 -6.82
C PRO A 116 -6.80 -27.16 -6.76
N TRP A 117 -6.37 -26.64 -5.62
CA TRP A 117 -6.22 -25.24 -5.46
C TRP A 117 -5.22 -24.73 -6.49
N ASP A 118 -5.61 -23.68 -7.21
CA ASP A 118 -4.81 -23.19 -8.35
C ASP A 118 -3.90 -22.09 -7.87
N CYS A 119 -2.67 -22.45 -7.56
CA CYS A 119 -1.79 -21.51 -6.94
C CYS A 119 -0.99 -20.63 -7.89
N GLU A 120 -1.15 -20.82 -9.19
CA GLU A 120 -0.58 -19.92 -10.16
C GLU A 120 -1.49 -18.70 -10.41
N CYS A 121 -2.77 -18.86 -10.12
CA CYS A 121 -3.73 -17.82 -10.35
C CYS A 121 -3.79 -16.89 -9.11
N ARG A 122 -3.77 -15.59 -9.32
CA ARG A 122 -3.79 -14.68 -8.19
C ARG A 122 -5.05 -14.74 -7.37
N ASP A 123 -6.14 -15.32 -7.88
CA ASP A 123 -7.36 -15.46 -7.04
C ASP A 123 -7.14 -16.28 -5.78
N ILE A 124 -6.11 -17.12 -5.77
CA ILE A 124 -5.80 -17.96 -4.60
C ILE A 124 -5.34 -17.12 -3.39
N MET A 125 -5.00 -15.86 -3.61
CA MET A 125 -4.50 -15.07 -2.52
C MET A 125 -5.48 -14.92 -1.34
N TYR A 126 -6.80 -14.83 -1.57
CA TYR A 126 -7.75 -14.81 -0.44
C TYR A 126 -7.64 -16.07 0.40
N LEU A 127 -7.70 -17.25 -0.21
CA LEU A 127 -7.55 -18.44 0.59
C LEU A 127 -6.17 -18.49 1.31
N ARG A 128 -5.10 -18.10 0.62
CA ARG A 128 -3.78 -18.12 1.22
C ARG A 128 -3.74 -17.33 2.50
N ASN A 129 -4.23 -16.09 2.42
CA ASN A 129 -4.23 -15.18 3.55
C ASN A 129 -5.16 -15.67 4.66
N TRP A 130 -6.29 -16.26 4.28
CA TRP A 130 -7.29 -16.69 5.24
C TRP A 130 -6.76 -17.89 6.00
N VAL A 131 -6.24 -18.88 5.32
CA VAL A 131 -5.55 -19.98 5.99
C VAL A 131 -4.45 -19.47 6.96
N ALA A 132 -3.62 -18.56 6.49
CA ALA A 132 -2.46 -18.05 7.25
C ALA A 132 -2.94 -17.36 8.53
N ASP A 133 -4.11 -16.71 8.44
CA ASP A 133 -4.75 -16.02 9.58
C ASP A 133 -5.67 -16.91 10.43
N HIS A 134 -5.94 -18.15 9.98
CA HIS A 134 -6.76 -19.10 10.73
C HIS A 134 -6.20 -20.50 10.72
N THR A 135 -4.91 -20.63 10.99
CA THR A 135 -4.27 -21.94 10.99
C THR A 135 -4.82 -22.90 12.05
N SER A 136 -5.33 -22.39 13.16
CA SER A 136 -5.79 -23.27 14.24
C SER A 136 -7.11 -23.96 13.93
N ILE A 137 -7.77 -23.61 12.83
CA ILE A 137 -9.01 -24.28 12.51
C ILE A 137 -8.97 -25.12 11.24
N VAL A 138 -7.85 -25.15 10.55
CA VAL A 138 -7.68 -25.91 9.36
C VAL A 138 -7.26 -27.33 9.74
N MET A 139 -8.06 -28.31 9.32
CA MET A 139 -8.02 -29.65 9.82
C MET A 139 -7.94 -30.61 8.67
N ARG A 140 -7.30 -31.76 8.90
CA ARG A 140 -7.48 -32.89 8.04
C ARG A 140 -7.98 -34.06 8.89
N TRP A 141 -8.58 -35.07 8.25
CA TRP A 141 -9.03 -36.25 8.98
CA TRP A 141 -9.08 -36.28 8.94
C TRP A 141 -8.01 -37.38 8.86
N ASP A 142 -7.61 -37.93 9.98
CA ASP A 142 -6.80 -39.15 9.99
C ASP A 142 -7.21 -39.95 11.21
N GLY A 143 -8.38 -40.56 11.11
CA GLY A 143 -8.99 -41.24 12.23
C GLY A 143 -9.84 -40.24 12.99
N LYS A 144 -9.21 -39.13 13.39
CA LYS A 144 -9.86 -38.04 14.11
C LYS A 144 -9.42 -36.74 13.42
N ALA A 145 -10.00 -35.60 13.78
CA ALA A 145 -9.57 -34.35 13.20
C ALA A 145 -8.19 -34.02 13.70
N VAL A 146 -7.33 -33.58 12.77
CA VAL A 146 -5.98 -33.17 13.10
C VAL A 146 -5.73 -31.77 12.53
N ASN A 147 -5.25 -30.89 13.39
CA ASN A 147 -5.01 -29.55 12.96
C ASN A 147 -3.76 -29.54 12.10
N ASP A 148 -3.94 -29.27 10.78
CA ASP A 148 -2.84 -29.22 9.80
C ASP A 148 -3.06 -28.11 8.77
N PRO A 149 -2.50 -26.92 9.03
CA PRO A 149 -2.72 -25.81 8.11
C PRO A 149 -2.04 -25.98 6.73
N ASP A 150 -1.08 -26.90 6.64
CA ASP A 150 -0.47 -27.23 5.37
C ASP A 150 -1.34 -28.20 4.54
N SER A 151 -2.53 -28.55 5.00
CA SER A 151 -3.31 -29.61 4.34
C SER A 151 -4.08 -29.11 3.13
N ALA A 152 -4.30 -27.81 3.01
CA ALA A 152 -4.73 -27.24 1.73
C ALA A 152 -3.49 -27.07 0.87
N LYS A 153 -3.42 -27.83 -0.22
CA LYS A 153 -2.26 -27.88 -1.06
C LYS A 153 -2.56 -27.56 -2.53
N CYS A 154 -1.59 -26.90 -3.18
CA CYS A 154 -1.68 -26.51 -4.56
C CYS A 154 -1.75 -27.67 -5.51
N ALA A 155 -2.61 -27.57 -6.51
CA ALA A 155 -2.76 -28.65 -7.47
C ALA A 155 -1.38 -28.93 -8.04
N GLY A 156 -1.05 -30.19 -8.16
CA GLY A 156 0.13 -30.60 -8.88
C GLY A 156 1.38 -30.57 -8.02
N THR A 157 1.84 -29.37 -7.66
CA THR A 157 3.09 -29.27 -6.92
C THR A 157 2.94 -29.74 -5.44
N ASN A 158 1.75 -29.73 -4.88
CA ASN A 158 1.51 -30.16 -3.47
C ASN A 158 2.11 -29.24 -2.42
N THR A 159 2.54 -28.06 -2.82
CA THR A 159 3.03 -27.06 -1.85
C THR A 159 1.86 -26.42 -1.10
N PRO A 160 2.03 -26.14 0.20
CA PRO A 160 0.91 -25.59 0.94
C PRO A 160 0.37 -24.30 0.33
N VAL A 161 -0.93 -24.18 0.20
CA VAL A 161 -1.56 -22.91 -0.21
C VAL A 161 -1.12 -21.72 0.66
N ARG A 162 -0.98 -21.92 1.96
CA ARG A 162 -0.56 -20.79 2.85
C ARG A 162 0.87 -20.29 2.67
N ALA A 163 1.74 -21.09 2.04
CA ALA A 163 3.10 -20.67 1.64
C ALA A 163 3.22 -19.92 0.27
N VAL A 164 2.12 -19.81 -0.48
CA VAL A 164 2.16 -19.22 -1.82
C VAL A 164 2.52 -17.76 -1.72
N THR A 165 3.48 -17.33 -2.54
CA THR A 165 3.87 -15.90 -2.59
C THR A 165 3.14 -15.20 -3.71
N GLU A 166 2.65 -13.99 -3.44
CA GLU A 166 1.89 -13.27 -4.46
C GLU A 166 2.68 -13.14 -5.73
N ALA A 167 3.99 -12.92 -5.63
CA ALA A 167 4.84 -12.76 -6.80
C ALA A 167 4.86 -13.99 -7.71
N SER A 168 4.66 -15.17 -7.16
CA SER A 168 4.54 -16.38 -7.98
C SER A 168 3.16 -16.52 -8.66
N THR A 169 2.19 -15.68 -8.31
CA THR A 169 0.87 -15.77 -8.93
C THR A 169 0.70 -14.72 -10.04
N SER A 170 -0.26 -14.97 -10.94
CA SER A 170 -0.59 -14.02 -12.00
C SER A 170 -2.09 -13.84 -12.11
N PRO A 171 -2.54 -12.58 -12.35
CA PRO A 171 -3.96 -12.31 -12.54
C PRO A 171 -4.45 -12.76 -13.92
N SER A 172 -3.53 -12.97 -14.85
CA SER A 172 -3.90 -13.40 -16.19
C SER A 172 -3.84 -14.92 -16.40
N LYS A 173 -3.47 -15.68 -15.36
CA LYS A 173 -3.47 -17.15 -15.44
C LYS A 173 -4.68 -17.76 -14.78
N CYS A 174 -5.86 -17.25 -15.12
CA CYS A 174 -7.10 -17.65 -14.43
C CYS A 174 -8.22 -17.98 -15.39
N HIS B 1 15.70 5.08 -31.82
CA HIS B 1 16.17 6.07 -30.81
C HIS B 1 15.25 6.06 -29.58
N HIS B 2 15.66 6.71 -28.50
CA HIS B 2 14.85 6.73 -27.26
C HIS B 2 13.67 7.73 -27.21
N SER B 3 12.47 7.18 -26.96
CA SER B 3 11.19 7.92 -26.81
C SER B 3 10.59 7.79 -25.37
N ALA B 4 9.62 8.64 -25.06
CA ALA B 4 9.02 8.70 -23.74
C ALA B 4 8.04 7.55 -23.55
N GLY B 5 7.84 7.12 -22.29
CA GLY B 5 7.04 5.94 -21.94
C GLY B 5 5.56 6.03 -22.32
N CYS B 6 4.99 7.22 -22.19
CA CYS B 6 3.60 7.51 -22.58
C CYS B 6 2.93 6.63 -23.66
N PRO B 7 1.66 6.19 -23.44
CA PRO B 7 0.94 5.52 -24.55
C PRO B 7 0.77 6.50 -25.70
N SER B 8 0.99 6.04 -26.94
CA SER B 8 1.11 6.95 -28.07
C SER B 8 -0.20 7.60 -28.49
N GLN B 9 -1.31 6.92 -28.21
CA GLN B 9 -2.66 7.52 -28.31
C GLN B 9 -2.96 8.60 -27.26
N CYS B 10 -2.22 8.65 -26.15
CA CYS B 10 -2.48 9.60 -25.05
C CYS B 10 -1.52 10.76 -25.02
N SER B 11 -1.69 11.63 -24.05
CA SER B 11 -0.79 12.73 -23.82
C SER B 11 -0.39 12.78 -22.35
N CYS B 12 0.84 13.19 -22.11
CA CYS B 12 1.48 13.06 -20.84
C CYS B 12 2.05 14.39 -20.35
N ASP B 13 1.80 14.63 -19.07
CA ASP B 13 2.29 15.78 -18.32
C ASP B 13 3.38 15.16 -17.45
N GLN B 14 4.04 16.00 -16.69
CA GLN B 14 4.95 15.46 -15.70
C GLN B 14 4.17 14.55 -14.75
N THR B 15 2.94 14.92 -14.40
CA THR B 15 2.20 14.15 -13.38
C THR B 15 1.01 13.32 -13.91
N LEU B 16 0.55 13.63 -15.11
CA LEU B 16 -0.73 13.15 -15.66
C LEU B 16 -0.56 12.36 -16.98
N VAL B 17 -1.12 11.16 -17.01
CA VAL B 17 -1.37 10.43 -18.27
C VAL B 17 -2.83 10.64 -18.76
N ASN B 18 -2.99 11.56 -19.70
CA ASN B 18 -4.26 11.98 -20.18
C ASN B 18 -4.74 11.12 -21.36
N CYS B 19 -5.59 10.15 -21.06
CA CYS B 19 -6.18 9.35 -22.12
C CYS B 19 -7.67 9.59 -22.25
N GLN B 20 -8.14 10.80 -21.92
CA GLN B 20 -9.58 11.05 -22.00
C GLN B 20 -9.99 11.36 -23.45
N ASN B 21 -11.26 11.14 -23.74
CA ASN B 21 -11.89 11.62 -24.96
C ASN B 21 -11.30 11.02 -26.23
N ILE B 22 -10.75 9.81 -26.20
CA ILE B 22 -10.09 9.31 -27.42
C ILE B 22 -10.72 8.02 -27.97
N ARG B 23 -11.98 7.76 -27.61
CA ARG B 23 -12.74 6.64 -28.13
C ARG B 23 -12.06 5.28 -27.89
N LEU B 24 -11.38 5.14 -26.78
CA LEU B 24 -10.70 3.88 -26.46
C LEU B 24 -11.70 2.77 -26.18
N ALA B 25 -11.39 1.60 -26.69
CA ALA B 25 -12.21 0.42 -26.46
C ALA B 25 -11.59 -0.45 -25.38
N SER B 26 -10.30 -0.22 -25.09
CA SER B 26 -9.60 -0.89 -23.98
C SER B 26 -8.52 0.01 -23.38
N VAL B 27 -8.07 -0.34 -22.18
CA VAL B 27 -7.03 0.46 -21.48
C VAL B 27 -5.74 0.22 -22.23
N PRO B 28 -5.04 1.28 -22.64
CA PRO B 28 -3.83 1.12 -23.45
C PRO B 28 -2.69 0.44 -22.71
N ALA B 29 -1.82 -0.24 -23.45
CA ALA B 29 -0.55 -0.72 -22.90
C ALA B 29 0.46 0.43 -22.70
N GLY B 30 1.41 0.22 -21.78
CA GLY B 30 2.50 1.16 -21.54
C GLY B 30 2.15 2.46 -20.83
N ILE B 31 1.31 2.38 -19.79
CA ILE B 31 1.09 3.53 -18.89
C ILE B 31 2.27 3.61 -17.91
N PRO B 32 3.00 4.76 -17.91
CA PRO B 32 4.20 4.82 -17.07
C PRO B 32 3.85 4.72 -15.59
N THR B 33 4.77 4.16 -14.81
CA THR B 33 4.55 3.83 -13.40
C THR B 33 4.93 4.99 -12.45
N ASP B 34 5.58 6.01 -12.98
CA ASP B 34 5.98 7.15 -12.16
C ASP B 34 4.96 8.30 -12.12
N LYS B 35 3.79 8.11 -12.74
CA LYS B 35 2.79 9.18 -12.80
C LYS B 35 1.75 9.08 -11.66
N GLN B 36 1.22 10.22 -11.22
CA GLN B 36 0.31 10.23 -10.10
C GLN B 36 -1.15 10.33 -10.55
N ARG B 37 -1.40 10.63 -11.82
CA ARG B 37 -2.75 10.87 -12.33
C ARG B 37 -3.01 10.17 -13.66
N LEU B 38 -4.10 9.44 -13.73
CA LEU B 38 -4.50 8.72 -14.93
C LEU B 38 -5.95 9.02 -15.26
N TRP B 39 -6.17 9.66 -16.41
CA TRP B 39 -7.51 9.94 -16.92
C TRP B 39 -7.82 8.97 -18.07
N LEU B 40 -8.76 8.07 -17.83
CA LEU B 40 -9.30 7.18 -18.86
C LEU B 40 -10.80 7.45 -19.10
N ASN B 41 -11.30 8.58 -18.61
CA ASN B 41 -12.71 8.95 -18.74
C ASN B 41 -13.14 9.28 -20.15
N ASN B 42 -14.45 9.12 -20.38
CA ASN B 42 -15.11 9.45 -21.63
C ASN B 42 -14.54 8.72 -22.82
N ASN B 43 -14.58 7.41 -22.71
CA ASN B 43 -14.09 6.54 -23.71
C ASN B 43 -15.20 5.50 -23.83
N GLN B 44 -14.87 4.32 -24.34
CA GLN B 44 -15.89 3.31 -24.47
C GLN B 44 -15.39 2.00 -23.94
N ILE B 45 -14.62 2.05 -22.86
CA ILE B 45 -13.95 0.85 -22.32
C ILE B 45 -15.01 0.00 -21.61
N THR B 46 -15.08 -1.26 -21.99
CA THR B 46 -16.14 -2.11 -21.53
C THR B 46 -15.68 -3.08 -20.45
N LYS B 47 -14.37 -3.17 -20.26
CA LYS B 47 -13.77 -4.13 -19.37
C LYS B 47 -12.43 -3.64 -18.89
N LEU B 48 -12.12 -4.05 -17.67
CA LEU B 48 -10.78 -3.93 -17.11
C LEU B 48 -10.17 -5.32 -17.05
N GLU B 49 -8.99 -5.48 -17.63
CA GLU B 49 -8.30 -6.75 -17.56
C GLU B 49 -7.75 -6.96 -16.17
N PRO B 50 -7.83 -8.20 -15.64
CA PRO B 50 -7.20 -8.42 -14.36
C PRO B 50 -5.69 -8.05 -14.38
N GLY B 51 -5.24 -7.30 -13.38
CA GLY B 51 -3.85 -6.93 -13.31
C GLY B 51 -3.48 -5.60 -13.97
N VAL B 52 -4.41 -4.97 -14.68
CA VAL B 52 -4.09 -3.77 -15.49
C VAL B 52 -3.46 -2.62 -14.70
N PHE B 53 -3.89 -2.39 -13.46
CA PHE B 53 -3.33 -1.28 -12.66
C PHE B 53 -2.28 -1.74 -11.63
N ASP B 54 -1.84 -2.99 -11.68
CA ASP B 54 -0.98 -3.51 -10.62
C ASP B 54 0.38 -2.81 -10.46
N HIS B 55 0.91 -2.29 -11.55
CA HIS B 55 2.21 -1.62 -11.55
C HIS B 55 2.12 -0.14 -11.28
N LEU B 56 0.90 0.40 -11.23
CA LEU B 56 0.66 1.86 -11.08
C LEU B 56 0.54 2.29 -9.61
N VAL B 57 1.57 2.01 -8.85
CA VAL B 57 1.49 2.01 -7.41
C VAL B 57 1.57 3.45 -6.81
N ASN B 58 2.05 4.39 -7.61
CA ASN B 58 2.13 5.78 -7.18
C ASN B 58 0.90 6.60 -7.55
N LEU B 59 -0.11 5.92 -8.10
CA LEU B 59 -1.28 6.59 -8.65
C LEU B 59 -2.07 7.26 -7.52
N GLN B 60 -2.44 8.54 -7.66
CA GLN B 60 -3.26 9.24 -6.65
C GLN B 60 -4.68 9.60 -7.11
N GLN B 61 -4.84 9.74 -8.43
CA GLN B 61 -6.09 10.14 -9.05
C GLN B 61 -6.36 9.22 -10.23
N LEU B 62 -7.49 8.53 -10.26
CA LEU B 62 -7.85 7.64 -11.41
C LEU B 62 -9.27 7.96 -11.82
N TYR B 63 -9.40 8.51 -12.99
CA TYR B 63 -10.72 8.87 -13.51
C TYR B 63 -11.07 7.88 -14.59
N PHE B 64 -12.17 7.18 -14.38
CA PHE B 64 -12.63 6.18 -15.26
C PHE B 64 -14.12 6.43 -15.56
N ASN B 65 -14.59 7.62 -15.32
CA ASN B 65 -16.01 7.95 -15.65
C ASN B 65 -16.38 7.98 -17.15
N SER B 66 -17.65 7.73 -17.44
CA SER B 66 -18.18 7.76 -18.82
C SER B 66 -17.44 6.75 -19.67
N ASN B 67 -17.52 5.52 -19.19
CA ASN B 67 -17.10 4.37 -19.98
C ASN B 67 -18.26 3.38 -20.07
N LYS B 68 -17.99 2.14 -20.35
CA LYS B 68 -19.06 1.23 -20.51
C LYS B 68 -18.87 0.04 -19.63
N LEU B 69 -18.35 0.26 -18.43
CA LEU B 69 -17.98 -0.88 -17.55
C LEU B 69 -19.26 -1.48 -16.97
N THR B 70 -19.32 -2.77 -17.00
CA THR B 70 -20.41 -3.48 -16.41
C THR B 70 -20.01 -4.19 -15.13
N ALA B 71 -18.70 -4.47 -14.99
CA ALA B 71 -18.13 -5.19 -13.88
C ALA B 71 -16.74 -4.65 -13.57
N ILE B 72 -16.31 -4.90 -12.35
CA ILE B 72 -15.00 -4.60 -11.83
C ILE B 72 -14.43 -5.97 -11.38
N PRO B 73 -13.23 -6.36 -11.90
CA PRO B 73 -12.60 -7.54 -11.26
C PRO B 73 -12.26 -7.20 -9.80
N THR B 74 -12.40 -8.19 -8.92
CA THR B 74 -12.33 -8.02 -7.48
C THR B 74 -11.04 -7.33 -7.03
N GLY B 75 -9.92 -7.72 -7.62
CA GLY B 75 -8.62 -7.24 -7.15
C GLY B 75 -8.01 -6.08 -7.94
N VAL B 76 -8.80 -5.40 -8.74
CA VAL B 76 -8.25 -4.49 -9.73
C VAL B 76 -7.60 -3.24 -9.11
N PHE B 77 -8.09 -2.86 -7.94
CA PHE B 77 -7.55 -1.71 -7.23
C PHE B 77 -6.62 -2.06 -6.09
N ASP B 78 -6.32 -3.36 -5.95
CA ASP B 78 -5.59 -3.85 -4.78
C ASP B 78 -4.26 -3.19 -4.50
N LYS B 79 -3.55 -2.77 -5.53
CA LYS B 79 -2.21 -2.18 -5.37
C LYS B 79 -2.25 -0.65 -5.33
N LEU B 80 -3.41 -0.05 -5.44
CA LEU B 80 -3.51 1.41 -5.54
C LEU B 80 -3.67 2.07 -4.18
N THR B 81 -2.73 1.78 -3.30
CA THR B 81 -2.90 2.11 -1.89
C THR B 81 -2.73 3.60 -1.62
N GLN B 82 -2.25 4.32 -2.63
CA GLN B 82 -2.03 5.77 -2.55
C GLN B 82 -3.18 6.53 -3.14
N LEU B 83 -4.15 5.82 -3.69
CA LEU B 83 -5.13 6.49 -4.51
C LEU B 83 -6.02 7.34 -3.62
N THR B 84 -6.19 8.63 -3.91
CA THR B 84 -7.05 9.49 -3.10
C THR B 84 -8.38 9.83 -3.78
N GLN B 85 -8.40 9.78 -5.13
CA GLN B 85 -9.58 10.15 -5.92
C GLN B 85 -9.85 9.09 -6.96
N LEU B 86 -11.07 8.56 -7.00
CA LEU B 86 -11.51 7.50 -7.94
C LEU B 86 -12.88 7.90 -8.54
N ASP B 87 -12.96 8.13 -9.84
CA ASP B 87 -14.22 8.48 -10.44
C ASP B 87 -14.69 7.33 -11.31
N LEU B 88 -15.84 6.75 -10.95
CA LEU B 88 -16.45 5.66 -11.70
C LEU B 88 -17.86 6.09 -12.11
N ASN B 89 -18.17 7.39 -12.07
CA ASN B 89 -19.52 7.80 -12.46
C ASN B 89 -19.83 7.53 -13.94
N ASP B 90 -21.09 7.26 -14.27
CA ASP B 90 -21.58 7.11 -15.64
C ASP B 90 -20.88 5.93 -16.26
N ASN B 91 -20.99 4.79 -15.60
CA ASN B 91 -20.67 3.52 -16.22
C ASN B 91 -21.94 2.66 -16.27
N HIS B 92 -21.79 1.36 -16.42
CA HIS B 92 -22.92 0.48 -16.38
C HIS B 92 -22.79 -0.47 -15.19
N LEU B 93 -22.24 0.01 -14.08
CA LEU B 93 -21.91 -0.88 -12.99
C LEU B 93 -23.18 -1.26 -12.27
N LYS B 94 -23.33 -2.55 -11.98
CA LYS B 94 -24.51 -3.06 -11.26
C LYS B 94 -24.22 -3.33 -9.79
N SER B 95 -22.96 -3.65 -9.51
CA SER B 95 -22.50 -3.90 -8.16
C SER B 95 -20.98 -3.81 -8.11
N ILE B 96 -20.47 -3.86 -6.89
CA ILE B 96 -19.02 -3.92 -6.62
C ILE B 96 -18.78 -5.24 -5.88
N PRO B 97 -17.85 -6.04 -6.37
CA PRO B 97 -17.52 -7.30 -5.69
C PRO B 97 -17.02 -7.07 -4.29
N ARG B 98 -17.43 -7.97 -3.41
CA ARG B 98 -17.02 -7.94 -2.03
C ARG B 98 -15.50 -7.77 -1.86
N GLY B 99 -15.11 -6.78 -1.08
CA GLY B 99 -13.72 -6.53 -0.80
C GLY B 99 -12.99 -5.72 -1.87
N ALA B 100 -13.66 -5.24 -2.89
CA ALA B 100 -12.94 -4.52 -3.98
C ALA B 100 -12.22 -3.25 -3.56
N PHE B 101 -12.78 -2.57 -2.56
CA PHE B 101 -12.20 -1.37 -2.03
C PHE B 101 -11.39 -1.54 -0.75
N ASP B 102 -11.13 -2.80 -0.36
CA ASP B 102 -10.41 -3.13 0.87
C ASP B 102 -9.06 -2.43 1.04
N ASN B 103 -8.28 -2.36 -0.04
CA ASN B 103 -6.92 -1.79 0.03
C ASN B 103 -6.85 -0.32 -0.30
N LEU B 104 -8.00 0.32 -0.54
CA LEU B 104 -8.05 1.78 -0.92
C LEU B 104 -8.15 2.69 0.28
N LYS B 105 -7.21 2.58 1.18
CA LYS B 105 -7.37 3.23 2.46
C LYS B 105 -7.03 4.72 2.43
N SER B 106 -6.54 5.22 1.29
CA SER B 106 -6.25 6.66 1.16
C SER B 106 -7.34 7.50 0.54
N LEU B 107 -8.48 6.91 0.21
CA LEU B 107 -9.51 7.65 -0.54
C LEU B 107 -10.06 8.85 0.18
N THR B 108 -10.08 10.00 -0.49
CA THR B 108 -10.80 11.13 0.03
C THR B 108 -12.04 11.46 -0.80
N HIS B 109 -12.06 10.98 -2.05
CA HIS B 109 -13.13 11.26 -2.95
C HIS B 109 -13.42 10.05 -3.77
N ILE B 110 -14.64 9.57 -3.75
CA ILE B 110 -15.04 8.54 -4.70
C ILE B 110 -16.38 8.98 -5.27
N TYR B 111 -16.54 8.81 -6.58
CA TYR B 111 -17.74 9.21 -7.30
C TYR B 111 -18.35 7.97 -7.87
N LEU B 112 -19.58 7.67 -7.50
CA LEU B 112 -20.26 6.40 -7.84
C LEU B 112 -21.60 6.60 -8.53
N TYR B 113 -21.97 7.85 -8.72
CA TYR B 113 -23.28 8.19 -9.21
C TYR B 113 -23.44 7.89 -10.70
N ASN B 114 -24.69 7.92 -11.17
CA ASN B 114 -25.05 7.59 -12.54
C ASN B 114 -24.51 6.27 -12.97
N ASN B 115 -24.70 5.28 -12.10
CA ASN B 115 -24.53 3.89 -12.43
C ASN B 115 -25.83 3.15 -12.08
N PRO B 116 -26.25 2.15 -12.89
CA PRO B 116 -27.44 1.37 -12.60
C PRO B 116 -27.29 0.28 -11.52
N TRP B 117 -27.02 0.70 -10.31
CA TRP B 117 -26.78 -0.20 -9.21
C TRP B 117 -28.01 -1.03 -9.04
N ASP B 118 -27.80 -2.35 -8.97
CA ASP B 118 -28.95 -3.26 -8.97
C ASP B 118 -29.33 -3.62 -7.57
N CYS B 119 -30.24 -2.86 -7.00
CA CYS B 119 -30.58 -3.02 -5.60
C CYS B 119 -31.54 -4.17 -5.27
N GLU B 120 -32.05 -4.86 -6.27
CA GLU B 120 -32.81 -6.08 -6.01
C GLU B 120 -31.92 -7.30 -5.80
N CYS B 121 -30.69 -7.21 -6.26
CA CYS B 121 -29.73 -8.30 -6.15
C CYS B 121 -28.92 -8.15 -4.87
N ARG B 122 -28.81 -9.24 -4.12
CA ARG B 122 -28.10 -9.18 -2.85
C ARG B 122 -26.62 -8.87 -2.96
N ASP B 123 -26.02 -9.00 -4.14
CA ASP B 123 -24.64 -8.53 -4.36
C ASP B 123 -24.40 -7.06 -4.04
N ILE B 124 -25.45 -6.25 -4.12
CA ILE B 124 -25.37 -4.85 -3.78
C ILE B 124 -25.01 -4.57 -2.31
N MET B 125 -25.17 -5.58 -1.45
CA MET B 125 -24.93 -5.37 -0.03
C MET B 125 -23.50 -4.90 0.29
N TYR B 126 -22.50 -5.35 -0.44
CA TYR B 126 -21.16 -4.83 -0.15
C TYR B 126 -21.09 -3.36 -0.40
N LEU B 127 -21.63 -2.89 -1.52
CA LEU B 127 -21.56 -1.44 -1.78
C LEU B 127 -22.39 -0.65 -0.74
N ARG B 128 -23.57 -1.16 -0.42
CA ARG B 128 -24.42 -0.50 0.59
C ARG B 128 -23.67 -0.28 1.91
N ASN B 129 -23.08 -1.37 2.40
CA ASN B 129 -22.37 -1.34 3.68
C ASN B 129 -21.14 -0.46 3.61
N TRP B 130 -20.42 -0.55 2.50
CA TRP B 130 -19.25 0.30 2.35
C TRP B 130 -19.62 1.80 2.32
N VAL B 131 -20.63 2.18 1.56
CA VAL B 131 -21.09 3.59 1.54
C VAL B 131 -21.57 4.02 2.90
N ALA B 132 -22.35 3.16 3.56
CA ALA B 132 -22.86 3.52 4.88
C ALA B 132 -21.69 3.70 5.87
N ASP B 133 -20.59 2.96 5.66
CA ASP B 133 -19.39 3.15 6.51
C ASP B 133 -18.40 4.21 6.05
N HIS B 134 -18.52 4.76 4.83
CA HIS B 134 -17.62 5.80 4.36
C HIS B 134 -18.38 6.97 3.74
N THR B 135 -19.40 7.45 4.42
CA THR B 135 -20.22 8.50 3.84
C THR B 135 -19.47 9.80 3.55
N SER B 136 -18.41 10.07 4.30
CA SER B 136 -17.71 11.36 4.16
C SER B 136 -16.86 11.42 2.89
N ILE B 137 -16.71 10.31 2.16
CA ILE B 137 -15.89 10.38 0.96
C ILE B 137 -16.64 10.15 -0.32
N VAL B 138 -17.94 9.89 -0.22
CA VAL B 138 -18.77 9.73 -1.37
C VAL B 138 -19.23 11.09 -1.85
N MET B 139 -18.96 11.39 -3.11
CA MET B 139 -19.05 12.74 -3.66
C MET B 139 -19.84 12.73 -4.92
N ARG B 140 -20.53 13.83 -5.22
CA ARG B 140 -20.94 14.07 -6.60
C ARG B 140 -20.37 15.41 -7.08
N TRP B 141 -20.31 15.65 -8.39
CA TRP B 141 -19.79 16.87 -8.92
CA TRP B 141 -19.77 16.85 -9.01
C TRP B 141 -20.94 17.82 -9.27
N ASP B 142 -20.86 19.04 -8.79
CA ASP B 142 -21.80 20.05 -9.25
C ASP B 142 -21.06 21.35 -9.22
N GLY B 143 -20.17 21.51 -10.19
CA GLY B 143 -19.26 22.64 -10.21
C GLY B 143 -18.00 22.27 -9.45
N LYS B 144 -18.17 21.82 -8.20
CA LYS B 144 -17.06 21.35 -7.37
C LYS B 144 -17.52 20.08 -6.71
N ALA B 145 -16.62 19.36 -6.06
CA ALA B 145 -16.96 18.10 -5.42
C ALA B 145 -17.87 18.37 -4.24
N VAL B 146 -18.97 17.63 -4.15
CA VAL B 146 -19.90 17.79 -3.05
C VAL B 146 -20.15 16.46 -2.35
N ASN B 147 -20.00 16.45 -1.05
CA ASN B 147 -20.19 15.24 -0.31
C ASN B 147 -21.66 14.94 -0.26
N ASP B 148 -22.04 13.84 -0.95
CA ASP B 148 -23.41 13.38 -1.00
C ASP B 148 -23.45 11.89 -1.03
N PRO B 149 -23.62 11.24 0.14
CA PRO B 149 -23.68 9.76 0.21
C PRO B 149 -24.96 9.13 -0.33
N ASP B 150 -25.97 9.94 -0.59
CA ASP B 150 -27.15 9.47 -1.32
C ASP B 150 -26.99 9.52 -2.85
N SER B 151 -25.79 9.78 -3.37
CA SER B 151 -25.63 10.00 -4.82
C SER B 151 -25.44 8.70 -5.57
N ALA B 152 -25.06 7.64 -4.87
CA ALA B 152 -25.16 6.29 -5.44
C ALA B 152 -26.60 5.87 -5.28
N LYS B 153 -27.31 5.79 -6.39
CA LYS B 153 -28.73 5.48 -6.40
C LYS B 153 -29.02 4.22 -7.20
N CYS B 154 -30.04 3.49 -6.78
CA CYS B 154 -30.51 2.24 -7.41
C CYS B 154 -31.12 2.43 -8.79
N ALA B 155 -30.87 1.49 -9.69
CA ALA B 155 -31.37 1.70 -11.04
C ALA B 155 -32.87 1.77 -10.98
N GLY B 156 -33.44 2.72 -11.73
CA GLY B 156 -34.87 2.74 -11.87
C GLY B 156 -35.52 3.51 -10.78
N THR B 157 -35.53 2.95 -9.57
CA THR B 157 -36.29 3.57 -8.46
C THR B 157 -35.63 4.86 -7.92
N ASN B 158 -34.32 5.02 -8.10
CA ASN B 158 -33.56 6.20 -7.63
C ASN B 158 -33.42 6.33 -6.12
N THR B 159 -33.73 5.27 -5.37
CA THR B 159 -33.52 5.28 -3.94
C THR B 159 -32.02 5.06 -3.64
N PRO B 160 -31.50 5.77 -2.61
CA PRO B 160 -30.07 5.64 -2.32
C PRO B 160 -29.60 4.19 -2.07
N VAL B 161 -28.47 3.82 -2.64
CA VAL B 161 -27.92 2.48 -2.39
C VAL B 161 -27.73 2.20 -0.90
N ARG B 162 -27.28 3.20 -0.14
CA ARG B 162 -27.02 3.03 1.29
C ARG B 162 -28.28 2.76 2.12
N ALA B 163 -29.46 3.21 1.67
CA ALA B 163 -30.76 2.91 2.31
C ALA B 163 -31.31 1.48 2.07
N VAL B 164 -30.72 0.73 1.16
CA VAL B 164 -31.25 -0.59 0.79
C VAL B 164 -31.24 -1.57 1.96
N THR B 165 -32.34 -2.29 2.15
CA THR B 165 -32.44 -3.26 3.23
C THR B 165 -32.18 -4.66 2.71
N GLU B 166 -31.43 -5.45 3.44
CA GLU B 166 -31.10 -6.80 2.95
C GLU B 166 -32.36 -7.57 2.61
N ALA B 167 -33.40 -7.41 3.42
CA ALA B 167 -34.65 -8.11 3.20
C ALA B 167 -35.27 -7.84 1.83
N SER B 168 -35.10 -6.61 1.32
CA SER B 168 -35.59 -6.26 -0.02
C SER B 168 -34.73 -6.81 -1.17
N THR B 169 -33.58 -7.41 -0.87
CA THR B 169 -32.71 -7.97 -1.90
C THR B 169 -32.89 -9.50 -1.95
N SER B 170 -32.53 -10.11 -3.09
CA SER B 170 -32.56 -11.57 -3.24
C SER B 170 -31.26 -12.07 -3.86
N PRO B 171 -30.76 -13.25 -3.40
CA PRO B 171 -29.59 -13.83 -4.02
C PRO B 171 -29.89 -14.46 -5.40
N SER B 172 -31.17 -14.75 -5.65
CA SER B 172 -31.55 -15.35 -6.91
C SER B 172 -32.00 -14.32 -7.96
N LYS B 173 -31.95 -13.03 -7.65
CA LYS B 173 -32.26 -12.01 -8.67
C LYS B 173 -30.99 -11.35 -9.23
N CYS B 174 -30.03 -12.16 -9.66
CA CYS B 174 -28.74 -11.65 -10.10
C CYS B 174 -28.28 -12.28 -11.41
N HIS C 1 -21.01 34.32 16.46
CA HIS C 1 -21.57 34.43 15.10
C HIS C 1 -20.52 33.92 14.12
N HIS C 2 -20.93 33.53 12.92
CA HIS C 2 -20.01 32.91 11.96
C HIS C 2 -19.02 33.93 11.32
N SER C 3 -17.75 33.53 11.29
CA SER C 3 -16.67 34.27 10.64
C SER C 3 -15.89 33.39 9.64
N ALA C 4 -15.10 34.05 8.79
CA ALA C 4 -14.41 33.40 7.69
C ALA C 4 -13.21 32.57 8.18
N GLY C 5 -12.77 31.59 7.39
CA GLY C 5 -11.71 30.65 7.81
C GLY C 5 -10.32 31.27 7.99
N CYS C 6 -10.00 32.20 7.11
CA CYS C 6 -8.78 33.04 7.16
C CYS C 6 -8.09 33.25 8.53
N PRO C 7 -6.76 32.99 8.64
CA PRO C 7 -6.08 33.37 9.87
C PRO C 7 -6.27 34.88 10.09
N SER C 8 -6.57 35.30 11.32
CA SER C 8 -6.98 36.68 11.55
C SER C 8 -5.87 37.70 11.31
N GLN C 9 -4.62 37.27 11.51
CA GLN C 9 -3.44 38.08 11.17
C GLN C 9 -3.27 38.28 9.65
N CYS C 10 -3.82 37.39 8.84
CA CYS C 10 -3.64 37.45 7.37
C CYS C 10 -4.78 38.12 6.61
N SER C 11 -4.63 38.22 5.30
CA SER C 11 -5.74 38.65 4.46
C SER C 11 -6.01 37.64 3.35
N CYS C 12 -7.27 37.51 2.99
CA CYS C 12 -7.70 36.45 2.10
C CYS C 12 -8.48 36.96 0.90
N ASP C 13 -8.12 36.39 -0.23
CA ASP C 13 -8.72 36.65 -1.50
C ASP C 13 -9.54 35.40 -1.75
N GLN C 14 -10.25 35.34 -2.86
CA GLN C 14 -10.90 34.09 -3.23
C GLN C 14 -9.85 32.99 -3.48
N THR C 15 -8.68 33.36 -4.00
CA THR C 15 -7.69 32.35 -4.32
C THR C 15 -6.40 32.31 -3.48
N LEU C 16 -6.21 33.36 -2.67
CA LEU C 16 -4.96 33.65 -2.02
C LEU C 16 -5.18 33.91 -0.56
N VAL C 17 -4.39 33.20 0.25
CA VAL C 17 -4.14 33.53 1.65
C VAL C 17 -2.81 34.33 1.71
N ASN C 18 -2.94 35.62 1.89
CA ASN C 18 -1.81 36.51 1.95
C ASN C 18 -1.34 36.72 3.37
N CYS C 19 -0.26 36.04 3.77
CA CYS C 19 0.35 36.25 5.08
C CYS C 19 1.76 36.84 5.01
N GLN C 20 2.04 37.65 3.99
CA GLN C 20 3.37 38.20 3.84
C GLN C 20 3.51 39.46 4.68
N ASN C 21 4.75 39.74 5.05
CA ASN C 21 5.15 41.01 5.66
C ASN C 21 4.50 41.25 7.01
N ILE C 22 4.23 40.24 7.83
CA ILE C 22 3.56 40.54 9.10
C ILE C 22 4.35 40.08 10.32
N ARG C 23 5.66 39.91 10.15
CA ARG C 23 6.56 39.60 11.25
C ARG C 23 6.07 38.36 11.96
N LEU C 24 5.62 37.34 11.22
CA LEU C 24 5.23 36.09 11.86
C LEU C 24 6.45 35.31 12.29
N ALA C 25 6.38 34.74 13.48
CA ALA C 25 7.43 33.90 14.05
C ALA C 25 7.11 32.45 13.86
N SER C 26 5.88 32.15 13.47
CA SER C 26 5.49 30.77 13.10
C SER C 26 4.33 30.78 12.08
N VAL C 27 4.07 29.62 11.49
CA VAL C 27 2.97 29.49 10.53
C VAL C 27 1.67 29.55 11.31
N PRO C 28 0.74 30.42 10.85
CA PRO C 28 -0.53 30.58 11.56
C PRO C 28 -1.40 29.34 11.45
N ALA C 29 -2.17 29.07 12.51
CA ALA C 29 -3.19 28.03 12.47
C ALA C 29 -4.39 28.51 11.62
N GLY C 30 -5.19 27.57 11.15
CA GLY C 30 -6.44 27.89 10.44
C GLY C 30 -6.30 28.45 9.04
N ILE C 31 -5.32 27.97 8.27
CA ILE C 31 -5.20 28.29 6.84
C ILE C 31 -6.24 27.43 6.12
N PRO C 32 -7.15 28.08 5.38
CA PRO C 32 -8.21 27.33 4.74
C PRO C 32 -7.70 26.41 3.62
N THR C 33 -8.36 25.28 3.47
CA THR C 33 -7.91 24.20 2.60
C THR C 33 -8.37 24.37 1.13
N ASP C 34 -9.30 25.30 0.89
CA ASP C 34 -9.83 25.59 -0.44
C ASP C 34 -9.15 26.77 -1.16
N LYS C 35 -7.99 27.19 -0.69
CA LYS C 35 -7.25 28.25 -1.38
C LYS C 35 -6.09 27.64 -2.15
N GLN C 36 -5.71 28.27 -3.27
CA GLN C 36 -4.70 27.69 -4.17
C GLN C 36 -3.36 28.37 -4.00
N ARG C 37 -3.33 29.50 -3.33
CA ARG C 37 -2.12 30.29 -3.18
C ARG C 37 -1.90 30.70 -1.72
N LEU C 38 -0.66 30.52 -1.25
CA LEU C 38 -0.27 30.87 0.11
C LEU C 38 1.04 31.62 0.11
N TRP C 39 0.97 32.85 0.58
CA TRP C 39 2.14 33.68 0.79
C TRP C 39 2.45 33.77 2.27
N LEU C 40 3.58 33.17 2.64
CA LEU C 40 4.17 33.32 3.97
C LEU C 40 5.55 34.04 3.92
N ASN C 41 5.88 34.66 2.80
CA ASN C 41 7.19 35.28 2.64
C ASN C 41 7.40 36.54 3.52
N ASN C 42 8.67 36.89 3.71
CA ASN C 42 9.10 38.10 4.46
C ASN C 42 8.53 38.17 5.87
N ASN C 43 8.77 37.10 6.58
CA ASN C 43 8.36 36.94 7.95
C ASN C 43 9.62 36.47 8.65
N GLN C 44 9.46 35.89 9.80
CA GLN C 44 10.61 35.47 10.59
C GLN C 44 10.31 34.07 11.05
N ILE C 45 9.75 33.25 10.18
CA ILE C 45 9.46 31.85 10.54
C ILE C 45 10.77 31.08 10.56
N THR C 46 11.07 30.45 11.69
CA THR C 46 12.36 29.81 11.89
C THR C 46 12.25 28.29 11.71
N LYS C 47 11.03 27.78 11.79
CA LYS C 47 10.77 26.35 11.65
C LYS C 47 9.42 26.07 11.03
N LEU C 48 9.36 24.91 10.34
CA LEU C 48 8.15 24.34 9.79
C LEU C 48 7.83 23.09 10.64
N GLU C 49 6.70 23.11 11.33
CA GLU C 49 6.31 21.97 12.15
C GLU C 49 5.94 20.83 11.23
N PRO C 50 6.37 19.59 11.57
CA PRO C 50 5.97 18.49 10.72
C PRO C 50 4.46 18.47 10.61
N GLY C 51 3.93 18.21 9.41
CA GLY C 51 2.47 18.17 9.20
C GLY C 51 1.75 19.52 8.98
N VAL C 52 2.46 20.65 9.01
CA VAL C 52 1.81 21.98 8.80
C VAL C 52 1.03 22.18 7.48
N PHE C 53 1.51 21.64 6.36
CA PHE C 53 0.85 21.86 5.09
C PHE C 53 0.04 20.66 4.62
N ASP C 54 -0.04 19.61 5.42
CA ASP C 54 -0.69 18.36 5.03
C ASP C 54 -2.14 18.44 4.53
N HIS C 55 -2.91 19.35 5.08
CA HIS C 55 -4.30 19.49 4.66
C HIS C 55 -4.45 20.46 3.51
N LEU C 56 -3.38 21.15 3.15
CA LEU C 56 -3.44 22.19 2.11
C LEU C 56 -3.22 21.57 0.75
N VAL C 57 -4.05 20.59 0.39
CA VAL C 57 -3.84 19.74 -0.77
C VAL C 57 -4.08 20.43 -2.12
N ASN C 58 -4.83 21.53 -2.13
CA ASN C 58 -5.18 22.27 -3.35
C ASN C 58 -4.22 23.42 -3.61
N LEU C 59 -3.13 23.45 -2.89
CA LEU C 59 -2.19 24.56 -3.00
C LEU C 59 -1.37 24.43 -4.28
N GLN C 60 -1.32 25.51 -5.07
CA GLN C 60 -0.56 25.60 -6.31
C GLN C 60 0.63 26.51 -6.23
N GLN C 61 0.58 27.48 -5.31
CA GLN C 61 1.62 28.48 -5.14
C GLN C 61 1.91 28.67 -3.66
N LEU C 62 3.17 28.42 -3.27
CA LEU C 62 3.62 28.55 -1.90
C LEU C 62 4.86 29.39 -1.90
N TYR C 63 4.73 30.60 -1.42
CA TYR C 63 5.87 31.47 -1.30
C TYR C 63 6.29 31.51 0.14
N PHE C 64 7.53 31.11 0.41
CA PHE C 64 8.09 31.10 1.74
C PHE C 64 9.43 31.80 1.81
N ASN C 65 9.70 32.66 0.86
CA ASN C 65 10.99 33.34 0.82
C ASN C 65 11.17 34.41 1.92
N SER C 66 12.42 34.78 2.18
CA SER C 66 12.76 35.76 3.19
C SER C 66 12.15 35.40 4.55
N ASN C 67 12.50 34.19 5.01
CA ASN C 67 12.17 33.74 6.35
C ASN C 67 13.50 33.24 6.92
N LYS C 68 13.47 32.51 8.04
CA LYS C 68 14.69 32.17 8.74
C LYS C 68 14.79 30.67 8.84
N LEU C 69 14.30 29.94 7.83
CA LEU C 69 14.31 28.48 7.89
C LEU C 69 15.73 27.98 7.78
N THR C 70 16.05 27.00 8.60
CA THR C 70 17.38 26.40 8.64
C THR C 70 17.31 24.95 8.23
N ALA C 71 16.12 24.38 8.27
CA ALA C 71 15.91 23.03 7.81
C ALA C 71 14.49 22.87 7.32
N ILE C 72 14.27 21.84 6.52
CA ILE C 72 12.99 21.46 5.92
C ILE C 72 12.73 20.00 6.43
N PRO C 73 11.60 19.74 7.15
CA PRO C 73 11.31 18.33 7.50
C PRO C 73 11.12 17.54 6.22
N THR C 74 11.61 16.31 6.20
CA THR C 74 11.65 15.52 4.97
C THR C 74 10.29 15.39 4.24
N GLY C 75 9.21 15.25 5.00
CA GLY C 75 7.89 15.03 4.42
C GLY C 75 7.01 16.27 4.37
N VAL C 76 7.57 17.47 4.59
CA VAL C 76 6.73 18.66 4.71
C VAL C 76 5.91 19.04 3.49
N PHE C 77 6.41 18.75 2.29
CA PHE C 77 5.72 19.09 1.05
C PHE C 77 5.00 17.88 0.47
N ASP C 78 4.99 16.76 1.19
CA ASP C 78 4.55 15.48 0.59
C ASP C 78 3.15 15.46 0.01
N LYS C 79 2.26 16.25 0.58
CA LYS C 79 0.86 16.28 0.15
C LYS C 79 0.55 17.37 -0.87
N LEU C 80 1.52 18.25 -1.13
CA LEU C 80 1.30 19.37 -2.05
C LEU C 80 1.56 18.98 -3.49
N THR C 81 0.81 17.98 -3.94
CA THR C 81 1.01 17.36 -5.26
C THR C 81 0.57 18.23 -6.44
N GLN C 82 -0.15 19.30 -6.15
CA GLN C 82 -0.63 20.26 -7.14
C GLN C 82 0.27 21.45 -7.26
N LEU C 83 1.32 21.47 -6.46
CA LEU C 83 2.06 22.70 -6.29
C LEU C 83 2.88 22.87 -7.58
N THR C 84 2.79 24.07 -8.16
CA THR C 84 3.50 24.39 -9.39
C THR C 84 4.57 25.43 -9.17
N GLN C 85 4.45 26.24 -8.10
CA GLN C 85 5.41 27.32 -7.81
C GLN C 85 5.74 27.30 -6.36
N LEU C 86 7.04 27.18 -6.04
CA LEU C 86 7.56 27.12 -4.69
C LEU C 86 8.74 28.08 -4.56
N ASP C 87 8.67 29.07 -3.66
CA ASP C 87 9.75 30.03 -3.44
C ASP C 87 10.36 29.84 -2.08
N LEU C 88 11.62 29.46 -2.03
CA LEU C 88 12.37 29.26 -0.78
C LEU C 88 13.58 30.20 -0.71
N ASN C 89 13.60 31.21 -1.55
CA ASN C 89 14.79 32.05 -1.64
C ASN C 89 14.93 32.86 -0.34
N ASP C 90 16.18 33.14 0.03
CA ASP C 90 16.55 34.01 1.14
C ASP C 90 16.13 33.40 2.45
N ASN C 91 16.52 32.16 2.68
CA ASN C 91 16.33 31.50 3.94
C ASN C 91 17.75 31.13 4.38
N HIS C 92 17.87 30.26 5.37
CA HIS C 92 19.16 29.85 5.88
C HIS C 92 19.30 28.37 5.65
N LEU C 93 18.77 27.89 4.56
CA LEU C 93 18.82 26.49 4.27
C LEU C 93 20.25 26.08 3.89
N LYS C 94 20.66 24.93 4.41
CA LYS C 94 21.99 24.38 4.14
C LYS C 94 21.93 23.12 3.23
N SER C 95 20.81 22.44 3.23
CA SER C 95 20.60 21.31 2.35
C SER C 95 19.13 21.02 2.41
N ILE C 96 18.73 20.12 1.49
CA ILE C 96 17.40 19.53 1.43
C ILE C 96 17.55 18.01 1.68
N PRO C 97 16.76 17.47 2.62
CA PRO C 97 16.77 16.08 2.95
C PRO C 97 16.35 15.22 1.76
N ARG C 98 17.03 14.10 1.61
CA ARG C 98 16.78 13.18 0.53
C ARG C 98 15.30 12.85 0.33
N GLY C 99 14.82 13.05 -0.89
CA GLY C 99 13.45 12.73 -1.21
C GLY C 99 12.43 13.80 -0.84
N ALA C 100 12.86 14.97 -0.31
CA ALA C 100 11.91 16.01 0.07
C ALA C 100 10.95 16.50 -1.07
N PHE C 101 11.43 16.42 -2.32
CA PHE C 101 10.69 16.89 -3.50
C PHE C 101 10.07 15.78 -4.32
N ASP C 102 10.17 14.55 -3.82
CA ASP C 102 9.67 13.35 -4.48
C ASP C 102 8.23 13.44 -4.99
N ASN C 103 7.33 14.02 -4.21
CA ASN C 103 5.92 14.07 -4.57
C ASN C 103 5.54 15.38 -5.30
N LEU C 104 6.51 16.29 -5.50
CA LEU C 104 6.24 17.58 -6.14
C LEU C 104 6.40 17.46 -7.63
N LYS C 105 5.52 16.73 -8.24
CA LYS C 105 5.69 16.39 -9.64
C LYS C 105 5.06 17.37 -10.63
N SER C 106 4.38 18.42 -10.12
CA SER C 106 3.75 19.41 -10.96
C SER C 106 4.52 20.74 -10.98
N LEU C 107 5.69 20.79 -10.37
CA LEU C 107 6.43 22.02 -10.26
C LEU C 107 6.86 22.60 -11.60
N THR C 108 6.54 23.86 -11.86
CA THR C 108 7.07 24.54 -13.05
C THR C 108 8.10 25.61 -12.69
N HIS C 109 8.08 26.10 -11.45
CA HIS C 109 9.03 27.17 -10.98
C HIS C 109 9.43 26.84 -9.58
N ILE C 110 10.70 26.64 -9.32
CA ILE C 110 11.19 26.57 -7.96
C ILE C 110 12.33 27.60 -7.85
N TYR C 111 12.36 28.31 -6.72
CA TYR C 111 13.37 29.36 -6.48
C TYR C 111 14.16 28.99 -5.24
N LEU C 112 15.46 28.85 -5.39
CA LEU C 112 16.34 28.26 -4.35
C LEU C 112 17.52 29.14 -4.04
N TYR C 113 17.66 30.24 -4.74
CA TYR C 113 18.78 31.13 -4.61
C TYR C 113 18.80 31.91 -3.24
N ASN C 114 19.98 32.48 -2.96
CA ASN C 114 20.25 33.22 -1.73
C ASN C 114 19.99 32.40 -0.45
N ASN C 115 20.38 31.10 -0.50
CA ASN C 115 20.46 30.24 0.65
C ASN C 115 21.93 29.79 0.72
N PRO C 116 22.50 29.68 1.94
CA PRO C 116 23.87 29.20 2.16
C PRO C 116 24.02 27.69 2.02
N TRP C 117 23.78 27.16 0.84
CA TRP C 117 23.85 25.74 0.63
C TRP C 117 25.25 25.26 1.02
N ASP C 118 25.32 24.19 1.82
CA ASP C 118 26.63 23.71 2.34
C ASP C 118 27.21 22.65 1.43
N CYS C 119 28.14 23.07 0.58
CA CYS C 119 28.59 22.20 -0.45
C CYS C 119 29.79 21.37 -0.08
N GLU C 120 30.31 21.56 1.12
CA GLU C 120 31.33 20.67 1.68
C GLU C 120 30.71 19.44 2.37
N CYS C 121 29.45 19.54 2.73
CA CYS C 121 28.76 18.46 3.41
C CYS C 121 28.07 17.56 2.38
N ARG C 122 28.25 16.28 2.52
CA ARG C 122 27.72 15.34 1.54
C ARG C 122 26.20 15.30 1.46
N ASP C 123 25.51 15.84 2.47
CA ASP C 123 24.04 15.93 2.39
C ASP C 123 23.54 16.78 1.22
N ILE C 124 24.38 17.70 0.74
CA ILE C 124 24.03 18.52 -0.40
C ILE C 124 23.84 17.71 -1.67
N MET C 125 24.27 16.44 -1.67
CA MET C 125 24.18 15.64 -2.90
C MET C 125 22.77 15.45 -3.46
N TYR C 126 21.74 15.31 -2.63
CA TYR C 126 20.35 15.24 -3.11
C TYR C 126 19.94 16.51 -3.82
N LEU C 127 20.14 17.69 -3.25
CA LEU C 127 19.84 18.90 -4.00
C LEU C 127 20.64 18.98 -5.34
N ARG C 128 21.92 18.61 -5.31
CA ARG C 128 22.79 18.66 -6.48
C ARG C 128 22.19 17.84 -7.59
N ASN C 129 21.85 16.59 -7.29
CA ASN C 129 21.29 15.69 -8.27
C ASN C 129 19.91 16.14 -8.75
N TRP C 130 19.13 16.68 -7.85
CA TRP C 130 17.78 17.06 -8.16
C TRP C 130 17.78 18.31 -9.07
N VAL C 131 18.59 19.31 -8.74
CA VAL C 131 18.78 20.44 -9.63
C VAL C 131 19.26 19.95 -11.02
N ALA C 132 20.25 19.06 -11.05
CA ALA C 132 20.83 18.57 -12.30
C ALA C 132 19.78 17.91 -13.19
N ASP C 133 18.81 17.25 -12.55
CA ASP C 133 17.71 16.53 -13.24
C ASP C 133 16.53 17.41 -13.54
N HIS C 134 16.51 18.62 -12.97
CA HIS C 134 15.37 19.56 -13.14
C HIS C 134 15.82 20.98 -13.41
N THR C 135 16.79 21.15 -14.31
CA THR C 135 17.34 22.48 -14.58
C THR C 135 16.33 23.43 -15.22
N SER C 136 15.34 22.89 -15.95
CA SER C 136 14.32 23.74 -16.58
C SER C 136 13.39 24.49 -15.59
N ILE C 137 13.28 24.02 -14.36
CA ILE C 137 12.34 24.66 -13.41
C ILE C 137 13.00 25.55 -12.36
N VAL C 138 14.32 25.60 -12.35
CA VAL C 138 15.04 26.37 -11.38
C VAL C 138 15.15 27.82 -11.88
N MET C 139 14.59 28.72 -11.07
CA MET C 139 14.30 30.07 -11.46
C MET C 139 14.94 31.04 -10.52
N ARG C 140 15.27 32.21 -11.03
CA ARG C 140 15.53 33.33 -10.17
C ARG C 140 14.64 34.47 -10.64
N TRP C 141 14.45 35.48 -9.79
CA TRP C 141 13.62 36.60 -10.15
CA TRP C 141 13.60 36.63 -10.08
C TRP C 141 14.50 37.78 -10.53
N ASP C 142 14.28 38.29 -11.72
CA ASP C 142 14.92 39.53 -12.15
C ASP C 142 13.90 40.28 -12.99
N GLY C 143 12.94 40.89 -12.28
CA GLY C 143 11.79 41.54 -12.89
C GLY C 143 10.73 40.50 -13.16
N LYS C 144 11.10 39.42 -13.83
CA LYS C 144 10.22 38.29 -14.12
C LYS C 144 10.99 37.05 -13.72
N ALA C 145 10.37 35.87 -13.83
CA ALA C 145 11.06 34.64 -13.56
C ALA C 145 12.02 34.43 -14.69
N VAL C 146 13.24 34.00 -14.38
CA VAL C 146 14.23 33.67 -15.37
C VAL C 146 14.79 32.31 -15.02
N ASN C 147 14.83 31.42 -15.99
CA ASN C 147 15.32 30.08 -15.76
C ASN C 147 16.83 30.18 -15.63
N ASP C 148 17.36 29.80 -14.46
CA ASP C 148 18.81 29.84 -14.19
C ASP C 148 19.23 28.74 -13.21
N PRO C 149 19.57 27.54 -13.73
CA PRO C 149 19.92 26.45 -12.83
C PRO C 149 21.20 26.65 -12.00
N ASP C 150 22.05 27.57 -12.42
CA ASP C 150 23.17 27.95 -11.60
C ASP C 150 22.79 28.86 -10.44
N SER C 151 21.51 29.14 -10.25
CA SER C 151 21.13 30.16 -9.25
C SER C 151 21.10 29.64 -7.81
N ALA C 152 21.05 28.34 -7.62
CA ALA C 152 21.37 27.75 -6.31
C ALA C 152 22.88 27.60 -6.23
N LYS C 153 23.49 28.32 -5.28
CA LYS C 153 24.92 28.50 -5.18
C LYS C 153 25.43 28.15 -3.79
N CYS C 154 26.60 27.50 -3.73
CA CYS C 154 27.26 27.14 -2.49
C CYS C 154 27.65 28.35 -1.66
N ALA C 155 27.43 28.25 -0.34
CA ALA C 155 27.74 29.32 0.57
C ALA C 155 29.21 29.62 0.38
N GLY C 156 29.51 30.90 0.31
CA GLY C 156 30.87 31.33 0.36
C GLY C 156 31.50 31.37 -1.02
N THR C 157 31.76 30.20 -1.60
CA THR C 157 32.44 30.13 -2.88
C THR C 157 31.53 30.61 -4.06
N ASN C 158 30.20 30.55 -3.92
CA ASN C 158 29.26 30.94 -4.99
C ASN C 158 29.24 30.01 -6.22
N THR C 159 29.90 28.87 -6.12
CA THR C 159 29.89 27.89 -7.19
C THR C 159 28.51 27.25 -7.25
N PRO C 160 28.06 26.93 -8.46
CA PRO C 160 26.74 26.28 -8.55
C PRO C 160 26.59 24.95 -7.82
N VAL C 161 25.52 24.80 -7.06
CA VAL C 161 25.24 23.55 -6.35
C VAL C 161 25.20 22.35 -7.33
N ARG C 162 24.64 22.53 -8.52
CA ARG C 162 24.61 21.45 -9.52
C ARG C 162 25.97 20.99 -10.06
N ALA C 163 26.98 21.86 -9.94
CA ALA C 163 28.36 21.52 -10.29
C ALA C 163 29.18 20.79 -9.19
N VAL C 164 28.65 20.64 -7.98
CA VAL C 164 29.41 20.08 -6.86
C VAL C 164 29.71 18.61 -7.15
N THR C 165 30.96 18.19 -6.94
CA THR C 165 31.37 16.80 -7.14
C THR C 165 31.35 16.05 -5.82
N GLU C 166 30.87 14.82 -5.83
CA GLU C 166 30.75 14.09 -4.56
C GLU C 166 32.10 13.97 -3.89
N ALA C 167 33.16 13.79 -4.65
CA ALA C 167 34.51 13.68 -4.08
C ALA C 167 34.94 14.95 -3.30
N SER C 168 34.39 16.10 -3.65
CA SER C 168 34.67 17.32 -2.86
C SER C 168 33.87 17.41 -1.56
N THR C 169 32.87 16.56 -1.35
CA THR C 169 32.06 16.63 -0.14
C THR C 169 32.52 15.58 0.89
N SER C 170 32.18 15.82 2.16
CA SER C 170 32.46 14.86 3.23
C SER C 170 31.22 14.59 4.09
N PRO C 171 31.01 13.30 4.48
CA PRO C 171 29.90 12.97 5.36
C PRO C 171 30.18 13.38 6.81
N SER C 172 31.44 13.65 7.14
CA SER C 172 31.79 14.07 8.49
C SER C 172 31.89 15.60 8.69
N LYS C 173 31.68 16.37 7.62
CA LYS C 173 31.65 17.85 7.70
C LYS C 173 30.22 18.36 7.73
N CYS C 174 29.40 17.85 8.64
CA CYS C 174 27.99 18.18 8.69
C CYS C 174 27.50 18.44 10.11
N HIS D 1 57.15 -3.47 11.21
CA HIS D 1 57.07 -4.60 10.23
C HIS D 1 55.66 -4.63 9.62
N HIS D 2 55.48 -5.23 8.44
CA HIS D 2 54.15 -5.34 7.81
C HIS D 2 53.22 -6.38 8.48
N SER D 3 52.02 -5.90 8.81
CA SER D 3 50.87 -6.70 9.33
C SER D 3 49.61 -6.62 8.41
N ALA D 4 48.60 -7.43 8.71
CA ALA D 4 47.40 -7.55 7.90
C ALA D 4 46.48 -6.36 8.14
N GLY D 5 45.59 -6.12 7.17
CA GLY D 5 44.67 -4.99 7.23
C GLY D 5 43.67 -5.11 8.38
N CYS D 6 43.17 -6.32 8.58
CA CYS D 6 42.20 -6.69 9.63
C CYS D 6 42.14 -5.85 10.93
N PRO D 7 40.93 -5.43 11.38
CA PRO D 7 40.86 -4.77 12.72
C PRO D 7 41.33 -5.74 13.83
N SER D 8 42.14 -5.28 14.76
CA SER D 8 42.87 -6.20 15.65
C SER D 8 42.00 -6.83 16.73
N GLN D 9 40.86 -6.21 17.00
CA GLN D 9 39.81 -6.88 17.77
C GLN D 9 39.08 -8.01 17.03
N CYS D 10 39.11 -8.03 15.70
CA CYS D 10 38.37 -8.99 14.86
C CYS D 10 39.23 -10.10 14.27
N SER D 11 38.60 -11.02 13.55
CA SER D 11 39.28 -12.06 12.83
C SER D 11 38.82 -12.09 11.39
N CYS D 12 39.77 -12.42 10.51
CA CYS D 12 39.64 -12.27 9.08
C CYS D 12 39.92 -13.56 8.37
N ASP D 13 39.10 -13.83 7.37
CA ASP D 13 39.18 -14.97 6.49
C ASP D 13 39.64 -14.28 5.21
N GLN D 14 39.76 -15.04 4.15
CA GLN D 14 39.96 -14.48 2.84
C GLN D 14 38.79 -13.62 2.37
N THR D 15 37.57 -14.05 2.70
CA THR D 15 36.36 -13.40 2.23
C THR D 15 35.57 -12.64 3.32
N LEU D 16 35.85 -12.93 4.58
CA LEU D 16 35.04 -12.50 5.76
C LEU D 16 35.87 -11.70 6.76
N VAL D 17 35.37 -10.54 7.17
CA VAL D 17 35.79 -9.85 8.41
C VAL D 17 34.79 -10.15 9.53
N ASN D 18 35.16 -11.04 10.42
CA ASN D 18 34.26 -11.52 11.46
C ASN D 18 34.48 -10.70 12.75
N CYS D 19 33.67 -9.67 13.00
CA CYS D 19 33.69 -8.92 14.26
C CYS D 19 32.50 -9.21 15.21
N GLN D 20 31.95 -10.41 15.16
CA GLN D 20 30.72 -10.71 15.91
C GLN D 20 31.09 -11.06 17.32
N ASN D 21 30.16 -10.80 18.26
CA ASN D 21 30.31 -11.31 19.61
C ASN D 21 31.53 -10.75 20.37
N ILE D 22 31.93 -9.50 20.12
CA ILE D 22 33.10 -9.01 20.83
C ILE D 22 32.87 -7.73 21.64
N ARG D 23 31.60 -7.45 21.94
CA ARG D 23 31.18 -6.38 22.85
C ARG D 23 31.54 -5.00 22.34
N LEU D 24 31.56 -4.83 21.03
CA LEU D 24 31.97 -3.55 20.42
C LEU D 24 30.88 -2.58 20.61
N ALA D 25 31.25 -1.36 21.03
CA ALA D 25 30.34 -0.21 21.18
C ALA D 25 30.33 0.63 19.90
N SER D 26 31.31 0.40 19.02
CA SER D 26 31.36 1.14 17.75
CA SER D 26 31.41 1.16 17.76
C SER D 26 31.99 0.31 16.67
N VAL D 27 31.81 0.74 15.43
CA VAL D 27 32.36 0.02 14.27
C VAL D 27 33.86 0.29 14.21
N PRO D 28 34.69 -0.77 14.18
CA PRO D 28 36.13 -0.63 14.24
C PRO D 28 36.69 0.03 13.00
N ALA D 29 37.79 0.77 13.15
CA ALA D 29 38.52 1.35 12.03
C ALA D 29 39.34 0.30 11.33
N GLY D 30 39.66 0.56 10.07
CA GLY D 30 40.50 -0.34 9.28
C GLY D 30 39.88 -1.66 8.80
N ILE D 31 38.59 -1.64 8.43
CA ILE D 31 37.98 -2.82 7.79
C ILE D 31 38.46 -2.84 6.34
N PRO D 32 39.14 -3.95 5.91
CA PRO D 32 39.73 -3.95 4.57
C PRO D 32 38.66 -3.83 3.51
N THR D 33 39.02 -3.24 2.37
CA THR D 33 38.06 -2.96 1.30
C THR D 33 37.89 -4.10 0.29
N ASP D 34 38.75 -5.11 0.36
CA ASP D 34 38.70 -6.25 -0.58
C ASP D 34 37.86 -7.45 -0.07
N LYS D 35 37.18 -7.30 1.06
CA LYS D 35 36.38 -8.37 1.64
C LYS D 35 34.92 -8.26 1.22
N GLN D 36 34.26 -9.40 1.08
CA GLN D 36 32.91 -9.48 0.58
C GLN D 36 31.89 -9.62 1.70
N ARG D 37 32.32 -10.03 2.89
CA ARG D 37 31.42 -10.32 4.01
C ARG D 37 31.90 -9.65 5.31
N LEU D 38 31.02 -8.94 5.98
CA LEU D 38 31.30 -8.26 7.25
C LEU D 38 30.23 -8.71 8.23
N TRP D 39 30.65 -9.35 9.30
CA TRP D 39 29.78 -9.62 10.48
C TRP D 39 30.11 -8.64 11.63
N LEU D 40 29.16 -7.76 11.96
CA LEU D 40 29.26 -6.91 13.11
C LEU D 40 28.10 -7.25 14.13
N ASN D 41 27.46 -8.37 13.91
CA ASN D 41 26.32 -8.78 14.74
C ASN D 41 26.70 -9.15 16.18
N ASN D 42 25.70 -9.07 17.04
CA ASN D 42 25.80 -9.38 18.46
C ASN D 42 26.91 -8.59 19.14
N ASN D 43 26.79 -7.28 19.07
CA ASN D 43 27.71 -6.41 19.73
C ASN D 43 26.76 -5.40 20.41
N GLN D 44 27.20 -4.20 20.65
CA GLN D 44 26.42 -3.24 21.37
C GLN D 44 26.56 -1.90 20.69
N ILE D 45 26.66 -1.92 19.37
CA ILE D 45 26.91 -0.68 18.58
C ILE D 45 25.64 0.16 18.64
N THR D 46 25.79 1.40 19.05
CA THR D 46 24.63 2.24 19.23
C THR D 46 24.41 3.22 18.07
N LYS D 47 25.42 3.39 17.23
CA LYS D 47 25.40 4.37 16.16
C LYS D 47 26.26 3.91 15.01
N LEU D 48 25.87 4.31 13.80
CA LEU D 48 26.71 4.19 12.62
C LEU D 48 27.14 5.60 12.25
N GLU D 49 28.45 5.80 12.11
CA GLU D 49 28.96 7.13 11.74
C GLU D 49 28.66 7.38 10.28
N PRO D 50 28.28 8.62 9.91
CA PRO D 50 28.15 8.84 8.47
C PRO D 50 29.47 8.52 7.70
N GLY D 51 29.35 7.80 6.58
CA GLY D 51 30.53 7.44 5.79
C GLY D 51 31.22 6.14 6.16
N VAL D 52 30.83 5.52 7.27
CA VAL D 52 31.52 4.33 7.77
C VAL D 52 31.69 3.18 6.74
N PHE D 53 30.70 2.92 5.89
CA PHE D 53 30.78 1.82 4.93
C PHE D 53 31.17 2.29 3.52
N ASP D 54 31.51 3.56 3.35
CA ASP D 54 31.67 4.10 2.00
C ASP D 54 32.75 3.49 1.15
N HIS D 55 33.83 3.05 1.79
CA HIS D 55 34.92 2.39 1.06
C HIS D 55 34.68 0.89 0.81
N LEU D 56 33.62 0.32 1.39
CA LEU D 56 33.44 -1.12 1.39
C LEU D 56 32.59 -1.57 0.19
N VAL D 57 33.04 -1.18 -0.99
CA VAL D 57 32.22 -1.23 -2.18
C VAL D 57 32.03 -2.69 -2.73
N ASN D 58 32.88 -3.61 -2.28
CA ASN D 58 32.77 -5.01 -2.67
C ASN D 58 31.99 -5.86 -1.69
N LEU D 59 31.32 -5.22 -0.75
CA LEU D 59 30.60 -5.98 0.22
C LEU D 59 29.36 -6.62 -0.40
N GLN D 60 29.17 -7.91 -0.12
CA GLN D 60 27.97 -8.65 -0.49
C GLN D 60 27.07 -9.08 0.66
N GLN D 61 27.65 -9.19 1.85
CA GLN D 61 26.93 -9.62 3.04
C GLN D 61 27.31 -8.75 4.20
N LEU D 62 26.32 -8.13 4.83
CA LEU D 62 26.52 -7.29 5.98
C LEU D 62 25.55 -7.67 7.08
N TYR D 63 26.07 -8.24 8.16
CA TYR D 63 25.26 -8.59 9.31
C TYR D 63 25.53 -7.60 10.45
N PHE D 64 24.44 -6.98 10.90
CA PHE D 64 24.48 -6.00 11.93
C PHE D 64 23.40 -6.31 12.95
N ASN D 65 22.89 -7.53 12.93
CA ASN D 65 21.83 -7.89 13.86
C ASN D 65 22.31 -7.98 15.30
N SER D 66 21.38 -7.75 16.23
CA SER D 66 21.65 -7.74 17.65
C SER D 66 22.71 -6.72 17.99
N ASN D 67 22.34 -5.48 17.75
CA ASN D 67 23.09 -4.33 18.20
C ASN D 67 22.12 -3.35 18.86
N LYS D 68 22.48 -2.08 19.02
CA LYS D 68 21.62 -1.15 19.73
C LYS D 68 21.34 0.05 18.83
N LEU D 69 21.17 -0.17 17.53
CA LEU D 69 20.99 0.95 16.63
C LEU D 69 19.59 1.49 16.81
N THR D 70 19.51 2.79 17.00
CA THR D 70 18.27 3.49 17.11
C THR D 70 17.96 4.22 15.80
N ALA D 71 18.99 4.60 15.04
CA ALA D 71 18.83 5.28 13.76
C ALA D 71 19.84 4.77 12.73
N ILE D 72 19.52 5.03 11.47
CA ILE D 72 20.34 4.74 10.32
C ILE D 72 20.57 6.13 9.65
N PRO D 73 21.85 6.56 9.46
CA PRO D 73 22.04 7.75 8.62
C PRO D 73 21.58 7.50 7.21
N THR D 74 20.96 8.50 6.59
CA THR D 74 20.24 8.31 5.33
C THR D 74 21.06 7.65 4.24
N GLY D 75 22.32 8.06 4.10
CA GLY D 75 23.15 7.59 3.03
C GLY D 75 24.14 6.46 3.36
N VAL D 76 23.96 5.77 4.47
CA VAL D 76 24.98 4.86 5.00
C VAL D 76 25.22 3.61 4.12
N PHE D 77 24.20 3.22 3.38
CA PHE D 77 24.32 2.07 2.48
C PHE D 77 24.52 2.45 1.02
N ASP D 78 24.62 3.75 0.74
CA ASP D 78 24.67 4.25 -0.63
C ASP D 78 25.69 3.61 -1.57
N LYS D 79 26.84 3.25 -1.05
CA LYS D 79 27.91 2.74 -1.91
C LYS D 79 27.93 1.22 -1.96
N LEU D 80 27.00 0.58 -1.28
CA LEU D 80 27.04 -0.90 -1.16
C LEU D 80 26.18 -1.55 -2.22
N THR D 81 26.49 -1.20 -3.46
CA THR D 81 25.65 -1.55 -4.58
C THR D 81 25.70 -3.06 -4.90
N GLN D 82 26.65 -3.77 -4.30
CA GLN D 82 26.79 -5.19 -4.53
C GLN D 82 26.18 -5.99 -3.40
N LEU D 83 25.66 -5.33 -2.39
CA LEU D 83 25.24 -6.06 -1.22
C LEU D 83 24.06 -6.95 -1.61
N THR D 84 24.07 -8.23 -1.25
CA THR D 84 22.92 -9.10 -1.51
C THR D 84 22.18 -9.55 -0.24
N GLN D 85 22.87 -9.54 0.89
CA GLN D 85 22.27 -9.91 2.18
C GLN D 85 22.54 -8.85 3.24
N LEU D 86 21.50 -8.38 3.91
CA LEU D 86 21.61 -7.32 4.94
C LEU D 86 20.72 -7.74 6.14
N ASP D 87 21.33 -7.94 7.31
CA ASP D 87 20.61 -8.33 8.50
C ASP D 87 20.64 -7.18 9.49
N LEU D 88 19.45 -6.64 9.78
CA LEU D 88 19.28 -5.56 10.77
C LEU D 88 18.35 -6.04 11.89
N ASN D 89 18.11 -7.34 12.00
CA ASN D 89 17.13 -7.82 13.00
C ASN D 89 17.63 -7.60 14.44
N ASP D 90 16.72 -7.31 15.36
CA ASP D 90 17.05 -7.15 16.77
C ASP D 90 18.00 -6.02 17.01
N ASN D 91 17.56 -4.84 16.60
CA ASN D 91 18.15 -3.60 16.96
C ASN D 91 17.02 -2.80 17.62
N HIS D 92 17.18 -1.47 17.74
CA HIS D 92 16.20 -0.58 18.32
C HIS D 92 15.73 0.43 17.26
N LEU D 93 15.61 -0.02 16.02
CA LEU D 93 15.25 0.88 14.94
C LEU D 93 13.77 1.22 15.02
N LYS D 94 13.44 2.47 14.79
CA LYS D 94 12.06 2.95 14.80
C LYS D 94 11.51 3.25 13.42
N SER D 95 12.44 3.55 12.51
CA SER D 95 12.07 3.90 11.16
C SER D 95 13.32 3.75 10.30
N ILE D 96 13.11 3.79 8.99
CA ILE D 96 14.20 3.91 8.01
C ILE D 96 13.98 5.23 7.26
N PRO D 97 15.02 6.05 7.18
CA PRO D 97 14.89 7.32 6.47
C PRO D 97 14.61 7.15 4.98
N ARG D 98 13.82 8.06 4.46
CA ARG D 98 13.44 8.04 3.07
C ARG D 98 14.65 7.91 2.15
N GLY D 99 14.60 6.89 1.29
CA GLY D 99 15.63 6.67 0.31
C GLY D 99 16.85 5.92 0.81
N ALA D 100 16.83 5.41 2.03
CA ALA D 100 17.99 4.68 2.57
C ALA D 100 18.42 3.44 1.74
N PHE D 101 17.45 2.79 1.12
CA PHE D 101 17.68 1.56 0.41
C PHE D 101 17.68 1.72 -1.10
N ASP D 102 17.65 2.98 -1.58
CA ASP D 102 17.60 3.32 -3.03
C ASP D 102 18.69 2.64 -3.86
N ASN D 103 19.90 2.60 -3.33
CA ASN D 103 21.05 2.09 -4.09
C ASN D 103 21.32 0.61 -3.87
N LEU D 104 20.47 -0.07 -3.11
CA LEU D 104 20.68 -1.51 -2.75
C LEU D 104 20.01 -2.45 -3.74
N LYS D 105 20.35 -2.32 -5.01
CA LYS D 105 19.54 -2.93 -6.03
C LYS D 105 19.85 -4.41 -6.28
N SER D 106 20.83 -4.95 -5.55
CA SER D 106 21.16 -6.36 -5.66
C SER D 106 20.65 -7.18 -4.47
N LEU D 107 19.92 -6.58 -3.52
CA LEU D 107 19.47 -7.31 -2.36
C LEU D 107 18.61 -8.48 -2.69
N THR D 108 18.95 -9.64 -2.13
CA THR D 108 18.12 -10.83 -2.25
C THR D 108 17.49 -11.25 -0.89
N HIS D 109 18.10 -10.78 0.21
CA HIS D 109 17.71 -11.08 1.58
C HIS D 109 17.87 -9.86 2.47
N ILE D 110 16.79 -9.37 3.06
CA ILE D 110 16.91 -8.38 4.11
C ILE D 110 16.09 -8.88 5.30
N TYR D 111 16.62 -8.64 6.49
CA TYR D 111 16.02 -9.11 7.73
C TYR D 111 15.76 -7.90 8.61
N LEU D 112 14.50 -7.69 8.97
CA LEU D 112 14.10 -6.42 9.60
C LEU D 112 13.31 -6.66 10.87
N TYR D 113 13.06 -7.93 11.13
CA TYR D 113 12.23 -8.30 12.24
C TYR D 113 12.84 -7.98 13.62
N ASN D 114 12.00 -7.98 14.66
CA ASN D 114 12.41 -7.74 16.01
C ASN D 114 13.09 -6.38 16.19
N ASN D 115 12.49 -5.36 15.58
CA ASN D 115 12.81 -3.98 15.79
C ASN D 115 11.50 -3.28 16.19
N PRO D 116 11.57 -2.30 17.11
CA PRO D 116 10.40 -1.58 17.49
C PRO D 116 9.95 -0.51 16.49
N TRP D 117 9.58 -0.95 15.29
CA TRP D 117 9.12 -0.03 14.24
C TRP D 117 7.99 0.82 14.77
N ASP D 118 8.07 2.14 14.59
CA ASP D 118 7.11 3.05 15.26
C ASP D 118 6.05 3.36 14.23
N CYS D 119 4.94 2.63 14.28
CA CYS D 119 3.93 2.76 13.24
C CYS D 119 2.91 3.86 13.47
N GLU D 120 3.00 4.55 14.58
CA GLU D 120 2.16 5.72 14.78
C GLU D 120 2.77 7.00 14.15
N CYS D 121 4.05 6.94 13.89
CA CYS D 121 4.81 8.03 13.29
C CYS D 121 4.82 7.92 11.77
N ARG D 122 4.49 9.01 11.12
CA ARG D 122 4.40 8.99 9.64
C ARG D 122 5.73 8.70 8.93
N ASP D 123 6.86 8.88 9.63
CA ASP D 123 8.15 8.44 9.09
C ASP D 123 8.19 6.99 8.69
N ILE D 124 7.36 6.15 9.29
CA ILE D 124 7.34 4.73 8.97
C ILE D 124 6.90 4.48 7.53
N MET D 125 6.26 5.48 6.90
CA MET D 125 5.68 5.22 5.57
C MET D 125 6.69 4.77 4.51
N TYR D 126 7.92 5.28 4.56
CA TYR D 126 8.94 4.81 3.62
C TYR D 126 9.19 3.33 3.80
N LEU D 127 9.39 2.87 5.04
CA LEU D 127 9.59 1.43 5.22
C LEU D 127 8.37 0.64 4.78
N ARG D 128 7.15 1.13 5.08
CA ARG D 128 5.91 0.42 4.69
C ARG D 128 5.86 0.20 3.20
N ASN D 129 6.07 1.29 2.44
CA ASN D 129 6.00 1.26 0.99
C ASN D 129 7.08 0.39 0.40
N TRP D 130 8.26 0.44 0.99
CA TRP D 130 9.40 -0.36 0.50
C TRP D 130 9.17 -1.84 0.74
N VAL D 131 8.74 -2.20 1.94
CA VAL D 131 8.41 -3.61 2.18
C VAL D 131 7.36 -4.07 1.19
N ALA D 132 6.29 -3.28 1.01
CA ALA D 132 5.17 -3.71 0.12
C ALA D 132 5.64 -3.87 -1.33
N ASP D 133 6.62 -3.05 -1.74
CA ASP D 133 7.21 -3.12 -3.07
C ASP D 133 8.34 -4.13 -3.25
N HIS D 134 8.86 -4.70 -2.17
CA HIS D 134 9.89 -5.74 -2.24
C HIS D 134 9.61 -6.91 -1.32
N THR D 135 8.36 -7.38 -1.28
CA THR D 135 8.01 -8.48 -0.37
C THR D 135 8.82 -9.76 -0.56
N SER D 136 9.33 -10.03 -1.76
CA SER D 136 10.05 -11.27 -2.03
C SER D 136 11.43 -11.35 -1.43
N ILE D 137 11.98 -10.24 -0.95
CA ILE D 137 13.29 -10.30 -0.36
C ILE D 137 13.27 -10.12 1.17
N VAL D 138 12.13 -9.85 1.77
CA VAL D 138 12.02 -9.68 3.22
C VAL D 138 11.91 -11.05 3.87
N MET D 139 12.90 -11.38 4.69
CA MET D 139 13.12 -12.69 5.26
C MET D 139 13.11 -12.65 6.78
N ARG D 140 12.73 -13.76 7.40
CA ARG D 140 13.11 -14.04 8.77
C ARG D 140 13.87 -15.36 8.83
N TRP D 141 14.66 -15.56 9.90
CA TRP D 141 15.39 -16.79 10.09
CA TRP D 141 15.43 -16.77 10.14
C TRP D 141 14.60 -17.74 10.99
N ASP D 142 14.40 -18.96 10.50
CA ASP D 142 13.88 -20.03 11.34
C ASP D 142 14.55 -21.32 10.91
N GLY D 143 15.82 -21.46 11.29
CA GLY D 143 16.65 -22.57 10.83
C GLY D 143 17.36 -22.05 9.59
N LYS D 144 16.57 -21.71 8.58
CA LYS D 144 17.06 -21.20 7.31
C LYS D 144 16.29 -19.91 7.04
N ALA D 145 16.64 -19.18 5.99
CA ALA D 145 15.91 -17.95 5.69
C ALA D 145 14.56 -18.30 5.11
N VAL D 146 13.54 -17.66 5.65
CA VAL D 146 12.17 -17.81 5.20
C VAL D 146 11.59 -16.47 4.81
N ASN D 147 11.01 -16.45 3.63
CA ASN D 147 10.44 -15.25 3.08
C ASN D 147 9.15 -14.94 3.80
N ASP D 148 9.13 -13.82 4.53
CA ASP D 148 7.96 -13.42 5.30
C ASP D 148 7.88 -11.89 5.39
N PRO D 149 7.14 -11.26 4.46
CA PRO D 149 7.03 -9.80 4.44
C PRO D 149 6.28 -9.18 5.63
N ASP D 150 5.51 -10.02 6.31
CA ASP D 150 4.88 -9.64 7.58
C ASP D 150 5.80 -9.65 8.79
N SER D 151 7.09 -9.96 8.62
CA SER D 151 8.00 -10.11 9.77
C SER D 151 8.52 -8.79 10.35
N ALA D 152 8.48 -7.71 9.58
CA ALA D 152 8.70 -6.39 10.16
C ALA D 152 7.38 -5.96 10.81
N LYS D 153 7.40 -5.84 12.12
CA LYS D 153 6.19 -5.61 12.89
C LYS D 153 6.30 -4.35 13.77
N CYS D 154 5.17 -3.67 13.93
CA CYS D 154 5.06 -2.48 14.72
C CYS D 154 5.29 -2.77 16.19
N ALA D 155 5.97 -1.84 16.83
CA ALA D 155 6.24 -1.95 18.27
C ALA D 155 4.93 -2.05 19.00
N GLY D 156 4.85 -3.02 19.91
CA GLY D 156 3.70 -3.07 20.78
C GLY D 156 2.55 -3.87 20.25
N THR D 157 1.92 -3.39 19.19
CA THR D 157 0.75 -4.06 18.60
C THR D 157 1.12 -5.29 17.79
N ASN D 158 2.33 -5.35 17.25
CA ASN D 158 2.78 -6.51 16.42
C ASN D 158 2.08 -6.61 15.05
N THR D 159 1.40 -5.56 14.62
CA THR D 159 0.81 -5.60 13.28
C THR D 159 1.88 -5.40 12.21
N PRO D 160 1.73 -6.06 11.04
CA PRO D 160 2.79 -5.91 10.05
C PRO D 160 3.00 -4.45 9.61
N VAL D 161 4.25 -4.01 9.56
CA VAL D 161 4.58 -2.68 9.05
C VAL D 161 3.96 -2.41 7.67
N ARG D 162 3.92 -3.41 6.79
CA ARG D 162 3.43 -3.23 5.45
C ARG D 162 1.92 -2.99 5.36
N ALA D 163 1.18 -3.37 6.41
CA ALA D 163 -0.27 -3.14 6.50
C ALA D 163 -0.62 -1.75 7.10
N VAL D 164 0.36 -1.01 7.56
CA VAL D 164 0.06 0.30 8.15
C VAL D 164 -0.60 1.27 7.14
N THR D 165 -1.69 1.90 7.52
CA THR D 165 -2.35 2.85 6.64
C THR D 165 -1.87 4.24 7.02
N GLU D 166 -1.57 5.06 6.02
CA GLU D 166 -1.08 6.42 6.29
C GLU D 166 -2.01 7.19 7.20
N ALA D 167 -3.33 7.00 7.07
CA ALA D 167 -4.27 7.75 7.92
C ALA D 167 -4.11 7.43 9.42
N SER D 168 -3.70 6.20 9.74
CA SER D 168 -3.40 5.83 11.14
C SER D 168 -2.06 6.42 11.68
N THR D 169 -1.25 7.06 10.83
CA THR D 169 -0.01 7.65 11.28
C THR D 169 -0.14 9.17 11.42
N SER D 170 0.75 9.77 12.20
CA SER D 170 0.79 11.22 12.39
C SER D 170 2.19 11.77 12.27
N PRO D 171 2.33 12.93 11.60
CA PRO D 171 3.64 13.55 11.48
C PRO D 171 4.10 14.19 12.79
N SER D 172 3.15 14.49 13.67
CA SER D 172 3.44 15.07 14.96
C SER D 172 3.67 14.03 16.08
N LYS D 173 3.56 12.73 15.79
CA LYS D 173 3.84 11.69 16.79
C LYS D 173 5.23 11.08 16.61
N CYS D 174 6.23 11.93 16.48
CA CYS D 174 7.56 11.47 16.15
C CYS D 174 8.65 12.05 17.04
#